data_9CRZ
#
_entry.id   9CRZ
#
_cell.length_a   60.634
_cell.length_b   96.213
_cell.length_c   133.454
_cell.angle_alpha   90.000
_cell.angle_beta   90.000
_cell.angle_gamma   90.000
#
_symmetry.space_group_name_H-M   'P 21 21 21'
#
loop_
_entity.id
_entity.type
_entity.pdbx_description
1 polymer 'Putative glycosyltransferase R655'
2 non-polymer "URIDINE-5'-DIPHOSPHATE"
3 non-polymer 'MANGANESE (II) ION'
4 water water
#
_entity_poly.entity_id   1
_entity_poly.type   'polypeptide(L)'
_entity_poly.pdbx_seq_one_letter_code
;MGSSHHLHHHSSGLEVLFQGPGSENLKIIVINLKRRTDRREIMEKKFQDENITQYEFFEAFDGETLRPEDPILGVFKHGV
HGLSRKGVAGCALSHYTVWQKIAADTSGTKYLVLEDDINFKPNFKENLSKVMKTIEPSQAMILIGMTVNGDDVTKTRDIY
ELDTSYTIHPLGRDYYAGGLFGYILDYRAAQYFVDYISYNGIRIVIDYLTYRSGFPMYESHPHLVYTQSVQHDGEHVDSD
IQHQYDRIKYAIIPNTYEFDDYVFIPNKDSAGGDIREVCADIPILKNIADKDINCVAFNTYGWVKNNIKPLHQLIDIGNR
YYESDGIYIKKNYLLKEKIIINSLNL
;
_entity_poly.pdbx_strand_id   A,B
#
loop_
_chem_comp.id
_chem_comp.type
_chem_comp.name
_chem_comp.formula
MN non-polymer 'MANGANESE (II) ION' 'Mn 2'
UDP RNA linking URIDINE-5'-DIPHOSPHATE 'C9 H14 N2 O12 P2'
#
# COMPACT_ATOMS: atom_id res chain seq x y z
N ASN A 25 -33.47 -11.38 -14.88
CA ASN A 25 -33.25 -11.63 -13.43
C ASN A 25 -31.79 -11.32 -13.09
N LEU A 26 -31.36 -11.74 -11.90
CA LEU A 26 -30.06 -11.39 -11.35
C LEU A 26 -28.95 -11.86 -12.29
N LYS A 27 -28.06 -10.93 -12.65
CA LYS A 27 -26.82 -11.29 -13.34
C LYS A 27 -25.68 -11.40 -12.32
N ILE A 28 -25.00 -12.55 -12.33
CA ILE A 28 -23.86 -12.75 -11.45
C ILE A 28 -22.58 -12.55 -12.26
N ILE A 29 -21.67 -11.72 -11.74
CA ILE A 29 -20.36 -11.50 -12.32
C ILE A 29 -19.29 -11.86 -11.28
N VAL A 30 -18.38 -12.78 -11.67
CA VAL A 30 -17.27 -13.18 -10.83
C VAL A 30 -15.98 -12.59 -11.40
N ILE A 31 -15.29 -11.78 -10.60
CA ILE A 31 -14.02 -11.19 -11.01
C ILE A 31 -12.91 -12.21 -10.76
N ASN A 32 -12.23 -12.60 -11.84
CA ASN A 32 -11.30 -13.72 -11.84
C ASN A 32 -10.15 -13.43 -12.79
N LEU A 33 -8.91 -13.55 -12.29
CA LEU A 33 -7.73 -13.50 -13.14
C LEU A 33 -7.73 -14.71 -14.07
N LYS A 34 -7.41 -14.47 -15.34
CA LYS A 34 -7.33 -15.55 -16.32
C LYS A 34 -6.39 -16.65 -15.81
N ARG A 35 -5.31 -16.25 -15.13
CA ARG A 35 -4.29 -17.19 -14.71
C ARG A 35 -4.76 -18.02 -13.51
N ARG A 36 -5.76 -17.53 -12.76
CA ARG A 36 -6.21 -18.26 -11.58
C ARG A 36 -7.32 -19.22 -11.97
N THR A 37 -6.98 -20.20 -12.84
CA THR A 37 -7.93 -21.19 -13.33
C THR A 37 -8.35 -22.10 -12.17
N ASP A 38 -7.49 -22.23 -11.16
CA ASP A 38 -7.81 -22.94 -9.93
C ASP A 38 -9.03 -22.31 -9.25
N ARG A 39 -8.97 -20.99 -9.06
CA ARG A 39 -10.07 -20.27 -8.41
C ARG A 39 -11.33 -20.39 -9.27
N ARG A 40 -11.15 -20.27 -10.59
CA ARG A 40 -12.29 -20.30 -11.50
C ARG A 40 -13.01 -21.64 -11.39
N GLU A 41 -12.24 -22.73 -11.37
CA GLU A 41 -12.81 -24.06 -11.33
C GLU A 41 -13.53 -24.29 -10.01
N ILE A 42 -12.95 -23.80 -8.91
CA ILE A 42 -13.59 -23.90 -7.60
C ILE A 42 -14.96 -23.21 -7.65
N MET A 43 -14.99 -21.98 -8.17
CA MET A 43 -16.21 -21.19 -8.18
C MET A 43 -17.28 -21.88 -9.03
N GLU A 44 -16.87 -22.40 -10.20
CA GLU A 44 -17.78 -23.09 -11.11
C GLU A 44 -18.44 -24.28 -10.40
N LYS A 45 -17.65 -25.03 -9.64
CA LYS A 45 -18.14 -26.19 -8.92
C LYS A 45 -19.11 -25.75 -7.82
N LYS A 46 -18.80 -24.62 -7.16
CA LYS A 46 -19.67 -24.06 -6.14
C LYS A 46 -21.04 -23.70 -6.74
N PHE A 47 -21.01 -23.04 -7.91
CA PHE A 47 -22.24 -22.68 -8.59
C PHE A 47 -23.03 -23.94 -8.95
N GLN A 48 -22.34 -24.98 -9.42
CA GLN A 48 -22.98 -26.23 -9.80
C GLN A 48 -23.73 -26.81 -8.59
N ASP A 49 -23.03 -26.89 -7.45
CA ASP A 49 -23.57 -27.40 -6.22
C ASP A 49 -24.78 -26.57 -5.78
N GLU A 50 -24.82 -25.29 -6.17
CA GLU A 50 -25.93 -24.42 -5.79
C GLU A 50 -27.04 -24.46 -6.85
N ASN A 51 -26.77 -25.14 -7.97
CA ASN A 51 -27.66 -25.13 -9.13
C ASN A 51 -27.86 -23.71 -9.64
N ILE A 52 -26.77 -22.92 -9.65
CA ILE A 52 -26.77 -21.59 -10.24
C ILE A 52 -26.07 -21.70 -11.58
N THR A 53 -26.79 -21.34 -12.66
CA THR A 53 -26.23 -21.42 -14.01
C THR A 53 -26.04 -20.01 -14.58
N GLN A 54 -26.71 -19.01 -13.99
CA GLN A 54 -26.71 -17.67 -14.53
C GLN A 54 -25.57 -16.84 -13.91
N TYR A 55 -24.35 -17.08 -14.39
CA TYR A 55 -23.20 -16.31 -13.98
C TYR A 55 -22.24 -16.18 -15.15
N GLU A 56 -21.26 -15.28 -15.02
CA GLU A 56 -20.16 -15.14 -15.96
C GLU A 56 -18.90 -14.70 -15.20
N PHE A 57 -17.74 -15.03 -15.78
CA PHE A 57 -16.47 -14.54 -15.26
C PHE A 57 -16.13 -13.25 -15.98
N PHE A 58 -15.75 -12.23 -15.20
CA PHE A 58 -15.05 -11.08 -15.74
C PHE A 58 -13.55 -11.34 -15.70
N GLU A 59 -12.89 -11.13 -16.85
CA GLU A 59 -11.46 -11.29 -16.94
C GLU A 59 -10.78 -10.12 -16.23
N ALA A 60 -10.24 -10.40 -15.03
CA ALA A 60 -9.69 -9.38 -14.15
C ALA A 60 -8.41 -8.81 -14.75
N PHE A 61 -8.19 -7.51 -14.55
CA PHE A 61 -6.94 -6.87 -14.92
C PHE A 61 -5.81 -7.43 -14.05
N ASP A 62 -4.88 -8.14 -14.70
CA ASP A 62 -3.71 -8.65 -14.00
C ASP A 62 -2.73 -7.50 -13.76
N GLY A 63 -2.56 -7.14 -12.50
CA GLY A 63 -1.66 -6.06 -12.11
C GLY A 63 -0.25 -6.31 -12.61
N GLU A 64 0.14 -7.59 -12.67
CA GLU A 64 1.47 -8.02 -13.09
C GLU A 64 1.73 -7.68 -14.56
N THR A 65 0.67 -7.59 -15.38
CA THR A 65 0.88 -7.40 -16.82
C THR A 65 0.31 -6.06 -17.28
N LEU A 66 -0.13 -5.21 -16.36
CA LEU A 66 -0.52 -3.85 -16.73
C LEU A 66 0.68 -3.14 -17.34
N ARG A 67 0.49 -2.56 -18.52
CA ARG A 67 1.59 -1.91 -19.23
C ARG A 67 1.77 -0.50 -18.68
N PRO A 68 3.01 -0.11 -18.33
CA PRO A 68 3.28 1.21 -17.73
C PRO A 68 2.76 2.39 -18.53
N GLU A 69 2.58 2.18 -19.85
CA GLU A 69 2.19 3.26 -20.74
C GLU A 69 0.69 3.24 -21.01
N ASP A 70 -0.03 2.29 -20.40
CA ASP A 70 -1.46 2.17 -20.65
C ASP A 70 -2.19 3.38 -20.06
N PRO A 71 -2.90 4.19 -20.89
CA PRO A 71 -3.55 5.40 -20.37
C PRO A 71 -4.65 5.19 -19.32
N ILE A 72 -5.12 3.94 -19.17
CA ILE A 72 -6.18 3.66 -18.21
C ILE A 72 -5.65 3.83 -16.77
N LEU A 73 -4.33 3.88 -16.60
CA LEU A 73 -3.71 3.97 -15.29
C LEU A 73 -3.71 5.41 -14.78
N GLY A 74 -4.18 6.35 -15.61
CA GLY A 74 -4.20 7.77 -15.27
C GLY A 74 -4.84 8.02 -13.91
N VAL A 75 -5.84 7.20 -13.56
CA VAL A 75 -6.62 7.37 -12.34
C VAL A 75 -5.76 7.14 -11.09
N PHE A 76 -4.59 6.49 -11.26
CA PHE A 76 -3.75 6.12 -10.12
C PHE A 76 -2.55 7.07 -10.00
N LYS A 77 -2.36 7.96 -10.97
CA LYS A 77 -1.17 8.77 -11.02
C LYS A 77 -1.32 10.01 -10.13
N HIS A 78 -0.92 9.86 -8.86
CA HIS A 78 -1.01 10.92 -7.85
C HIS A 78 -0.11 10.55 -6.67
N GLY A 79 -0.28 11.26 -5.56
CA GLY A 79 0.62 11.18 -4.41
C GLY A 79 0.27 10.06 -3.43
N VAL A 80 -0.84 9.35 -3.66
CA VAL A 80 -1.20 8.22 -2.82
C VAL A 80 -0.66 6.95 -3.47
N HIS A 81 0.60 6.62 -3.13
CA HIS A 81 1.40 5.69 -3.92
C HIS A 81 0.92 4.25 -3.74
N GLY A 82 0.27 3.99 -2.59
CA GLY A 82 -0.23 2.67 -2.27
C GLY A 82 -1.17 2.13 -3.35
N LEU A 83 -1.84 3.05 -4.08
CA LEU A 83 -2.80 2.63 -5.08
C LEU A 83 -2.08 2.10 -6.33
N SER A 84 -0.76 2.32 -6.40
CA SER A 84 0.03 1.91 -7.56
C SER A 84 0.60 0.50 -7.37
N ARG A 85 0.38 -0.09 -6.19
CA ARG A 85 0.74 -1.50 -6.00
C ARG A 85 -0.01 -2.32 -7.04
N LYS A 86 0.72 -3.23 -7.70
CA LYS A 86 0.28 -3.87 -8.92
C LYS A 86 -1.08 -4.54 -8.71
N GLY A 87 -1.21 -5.33 -7.64
CA GLY A 87 -2.42 -6.07 -7.36
C GLY A 87 -3.58 -5.15 -6.96
N VAL A 88 -3.27 -4.14 -6.13
CA VAL A 88 -4.24 -3.16 -5.68
C VAL A 88 -4.84 -2.46 -6.90
N ALA A 89 -3.98 -2.06 -7.84
CA ALA A 89 -4.38 -1.32 -9.03
C ALA A 89 -5.23 -2.19 -9.96
N GLY A 90 -4.80 -3.45 -10.14
CA GLY A 90 -5.52 -4.39 -10.99
C GLY A 90 -6.94 -4.63 -10.46
N CYS A 91 -7.03 -4.81 -9.14
CA CYS A 91 -8.31 -5.02 -8.46
C CYS A 91 -9.22 -3.81 -8.68
N ALA A 92 -8.65 -2.61 -8.46
CA ALA A 92 -9.40 -1.37 -8.62
C ALA A 92 -9.95 -1.26 -10.04
N LEU A 93 -9.09 -1.53 -11.04
CA LEU A 93 -9.49 -1.46 -12.45
C LEU A 93 -10.62 -2.45 -12.74
N SER A 94 -10.55 -3.63 -12.12
CA SER A 94 -11.51 -4.70 -12.40
C SER A 94 -12.92 -4.29 -11.95
N HIS A 95 -13.06 -3.85 -10.69
CA HIS A 95 -14.35 -3.41 -10.17
C HIS A 95 -14.85 -2.19 -10.95
N TYR A 96 -13.93 -1.27 -11.29
CA TYR A 96 -14.27 -0.03 -11.95
C TYR A 96 -14.80 -0.31 -13.35
N THR A 97 -14.18 -1.30 -14.03
CA THR A 97 -14.59 -1.66 -15.39
C THR A 97 -15.95 -2.33 -15.33
N VAL A 98 -16.16 -3.19 -14.31
CA VAL A 98 -17.45 -3.83 -14.09
C VAL A 98 -18.51 -2.76 -13.86
N TRP A 99 -18.17 -1.69 -13.13
CA TRP A 99 -19.13 -0.62 -12.87
C TRP A 99 -19.51 0.10 -14.16
N GLN A 100 -18.53 0.28 -15.06
CA GLN A 100 -18.77 0.95 -16.33
C GLN A 100 -19.78 0.16 -17.15
N LYS A 101 -19.63 -1.17 -17.15
CA LYS A 101 -20.55 -2.07 -17.83
C LYS A 101 -21.95 -1.96 -17.23
N ILE A 102 -22.03 -2.05 -15.89
CA ILE A 102 -23.32 -2.02 -15.20
C ILE A 102 -23.98 -0.66 -15.40
N ALA A 103 -23.16 0.41 -15.36
CA ALA A 103 -23.66 1.78 -15.48
C ALA A 103 -24.42 1.96 -16.78
N ALA A 104 -23.97 1.26 -17.83
CA ALA A 104 -24.55 1.36 -19.17
C ALA A 104 -25.92 0.68 -19.23
N ASP A 105 -26.18 -0.25 -18.31
CA ASP A 105 -27.42 -1.02 -18.33
C ASP A 105 -28.49 -0.31 -17.49
N THR A 106 -29.21 0.63 -18.11
CA THR A 106 -30.14 1.47 -17.39
C THR A 106 -31.52 0.82 -17.34
N SER A 107 -31.58 -0.47 -17.69
CA SER A 107 -32.81 -1.25 -17.59
C SER A 107 -33.18 -1.47 -16.13
N GLY A 108 -32.19 -1.36 -15.22
CA GLY A 108 -32.44 -1.55 -13.81
C GLY A 108 -32.16 -2.99 -13.36
N THR A 109 -31.66 -3.81 -14.29
CA THR A 109 -31.31 -5.20 -14.00
C THR A 109 -30.30 -5.24 -12.84
N LYS A 110 -30.52 -6.17 -11.90
CA LYS A 110 -29.65 -6.31 -10.75
C LYS A 110 -28.43 -7.17 -11.09
N TYR A 111 -27.28 -6.78 -10.56
CA TYR A 111 -26.04 -7.52 -10.72
C TYR A 111 -25.52 -7.94 -9.34
N LEU A 112 -25.07 -9.20 -9.24
CA LEU A 112 -24.31 -9.65 -8.09
C LEU A 112 -22.86 -9.81 -8.50
N VAL A 113 -21.99 -8.97 -7.94
CA VAL A 113 -20.56 -9.02 -8.21
C VAL A 113 -19.89 -9.78 -7.06
N LEU A 114 -19.13 -10.82 -7.43
CA LEU A 114 -18.40 -11.64 -6.49
C LEU A 114 -16.92 -11.62 -6.83
N GLU A 115 -16.07 -11.70 -5.81
CA GLU A 115 -14.68 -12.08 -6.01
C GLU A 115 -14.61 -13.61 -6.03
N ASP A 116 -13.46 -14.17 -6.44
CA ASP A 116 -13.40 -15.54 -6.92
C ASP A 116 -12.83 -16.47 -5.86
N ASP A 117 -12.87 -16.04 -4.60
CA ASP A 117 -12.33 -16.84 -3.51
C ASP A 117 -13.30 -16.83 -2.33
N ILE A 118 -14.58 -16.57 -2.60
CA ILE A 118 -15.55 -16.43 -1.53
C ILE A 118 -16.15 -17.81 -1.20
N ASN A 119 -16.73 -17.89 0.01
CA ASN A 119 -17.49 -19.07 0.41
C ASN A 119 -18.96 -18.67 0.54
N PHE A 120 -19.83 -19.61 0.17
CA PHE A 120 -21.26 -19.45 0.36
C PHE A 120 -21.66 -20.09 1.67
N LYS A 121 -22.48 -19.38 2.45
CA LYS A 121 -23.14 -19.98 3.60
C LYS A 121 -24.19 -20.97 3.11
N PRO A 122 -24.50 -22.04 3.88
CA PRO A 122 -25.41 -23.10 3.40
C PRO A 122 -26.73 -22.54 2.88
N ASN A 123 -27.27 -23.22 1.85
CA ASN A 123 -28.52 -22.87 1.20
C ASN A 123 -28.40 -21.52 0.50
N PHE A 124 -27.25 -21.28 -0.14
CA PHE A 124 -26.96 -20.01 -0.78
C PHE A 124 -28.05 -19.64 -1.78
N LYS A 125 -28.39 -20.58 -2.69
CA LYS A 125 -29.29 -20.27 -3.79
C LYS A 125 -30.65 -19.82 -3.25
N GLU A 126 -31.16 -20.56 -2.25
CA GLU A 126 -32.44 -20.25 -1.64
C GLU A 126 -32.37 -18.91 -0.90
N ASN A 127 -31.25 -18.68 -0.19
CA ASN A 127 -31.07 -17.50 0.64
C ASN A 127 -30.97 -16.25 -0.23
N LEU A 128 -30.21 -16.36 -1.33
CA LEU A 128 -30.05 -15.24 -2.27
C LEU A 128 -31.42 -14.88 -2.84
N SER A 129 -32.18 -15.91 -3.23
CA SER A 129 -33.52 -15.76 -3.78
C SER A 129 -34.40 -14.96 -2.82
N LYS A 130 -34.36 -15.33 -1.53
CA LYS A 130 -35.17 -14.68 -0.51
C LYS A 130 -34.75 -13.21 -0.38
N VAL A 131 -33.43 -12.96 -0.37
CA VAL A 131 -32.89 -11.61 -0.25
C VAL A 131 -33.34 -10.78 -1.45
N MET A 132 -33.22 -11.33 -2.67
CA MET A 132 -33.59 -10.62 -3.89
C MET A 132 -35.04 -10.17 -3.82
N LYS A 133 -35.92 -11.04 -3.28
CA LYS A 133 -37.34 -10.79 -3.27
C LYS A 133 -37.68 -9.64 -2.31
N THR A 134 -36.77 -9.33 -1.40
CA THR A 134 -37.03 -8.38 -0.33
C THR A 134 -36.57 -6.97 -0.73
N ILE A 135 -35.85 -6.87 -1.86
CA ILE A 135 -35.20 -5.61 -2.22
C ILE A 135 -36.26 -4.56 -2.53
N GLU A 136 -36.06 -3.37 -1.99
CA GLU A 136 -36.93 -2.23 -2.29
C GLU A 136 -36.25 -1.36 -3.34
N PRO A 137 -37.00 -0.50 -4.07
CA PRO A 137 -36.45 0.27 -5.19
C PRO A 137 -35.31 1.23 -4.87
N SER A 138 -35.17 1.64 -3.61
CA SER A 138 -34.15 2.62 -3.23
C SER A 138 -32.85 1.94 -2.75
N GLN A 139 -32.87 0.59 -2.68
CA GLN A 139 -31.72 -0.16 -2.19
C GLN A 139 -30.82 -0.54 -3.38
N ALA A 140 -29.97 0.41 -3.81
CA ALA A 140 -29.26 0.29 -5.08
C ALA A 140 -27.88 -0.36 -4.90
N MET A 141 -27.39 -0.40 -3.65
CA MET A 141 -26.08 -0.97 -3.36
C MET A 141 -26.17 -1.74 -2.03
N ILE A 142 -26.03 -3.07 -2.12
CA ILE A 142 -26.23 -3.95 -0.98
C ILE A 142 -25.02 -4.87 -0.84
N LEU A 143 -24.34 -4.81 0.31
CA LEU A 143 -23.32 -5.80 0.65
C LEU A 143 -24.03 -7.06 1.17
N ILE A 144 -23.67 -8.22 0.61
CA ILE A 144 -24.15 -9.49 1.13
C ILE A 144 -23.01 -10.20 1.84
N GLY A 145 -21.87 -9.50 1.93
CA GLY A 145 -20.75 -9.88 2.77
C GLY A 145 -19.81 -8.70 2.95
N MET A 146 -19.10 -8.65 4.08
CA MET A 146 -18.06 -7.64 4.26
C MET A 146 -17.11 -8.10 5.35
N THR A 147 -15.95 -7.46 5.41
CA THR A 147 -14.99 -7.66 6.48
C THR A 147 -15.46 -6.82 7.67
N VAL A 148 -15.68 -7.49 8.81
CA VAL A 148 -16.14 -6.82 10.00
C VAL A 148 -14.93 -6.51 10.88
N ASN A 149 -14.89 -5.31 11.47
CA ASN A 149 -13.87 -4.98 12.45
C ASN A 149 -13.73 -6.13 13.44
N GLY A 150 -12.47 -6.53 13.68
CA GLY A 150 -12.18 -7.66 14.56
C GLY A 150 -12.88 -7.50 15.90
N ASP A 151 -12.89 -6.27 16.41
CA ASP A 151 -13.48 -5.95 17.71
C ASP A 151 -15.00 -6.04 17.68
N ASP A 152 -15.61 -6.12 16.48
CA ASP A 152 -17.05 -6.06 16.38
C ASP A 152 -17.63 -7.40 15.90
N VAL A 153 -16.77 -8.40 15.68
CA VAL A 153 -17.19 -9.68 15.12
C VAL A 153 -18.19 -10.36 16.07
N THR A 154 -17.86 -10.37 17.37
CA THR A 154 -18.63 -11.13 18.36
C THR A 154 -20.02 -10.52 18.50
N LYS A 155 -20.07 -9.19 18.63
CA LYS A 155 -21.32 -8.52 18.93
C LYS A 155 -22.22 -8.39 17.69
N THR A 156 -21.69 -8.70 16.49
CA THR A 156 -22.52 -8.62 15.27
C THR A 156 -22.82 -10.01 14.70
N ARG A 157 -22.53 -11.05 15.46
CA ARG A 157 -22.82 -12.41 15.01
C ARG A 157 -24.32 -12.61 14.84
N ASP A 158 -25.11 -11.99 15.72
CA ASP A 158 -26.57 -12.09 15.64
C ASP A 158 -27.11 -11.55 14.31
N ILE A 159 -26.56 -10.42 13.82
CA ILE A 159 -27.10 -9.80 12.62
C ILE A 159 -26.45 -10.36 11.34
N TYR A 160 -25.18 -10.77 11.43
CA TYR A 160 -24.41 -11.10 10.24
C TYR A 160 -24.33 -12.61 10.01
N GLU A 161 -24.41 -13.39 11.09
CA GLU A 161 -24.16 -14.83 11.01
C GLU A 161 -25.42 -15.62 11.34
N LEU A 162 -26.07 -15.29 12.46
CA LEU A 162 -27.10 -16.14 13.05
C LEU A 162 -28.49 -15.78 12.54
N ASP A 163 -28.64 -14.55 12.02
CA ASP A 163 -29.91 -14.02 11.55
C ASP A 163 -30.53 -14.95 10.51
N THR A 164 -31.86 -15.09 10.56
CA THR A 164 -32.56 -15.98 9.64
C THR A 164 -33.74 -15.24 8.99
N SER A 165 -33.61 -13.91 8.84
CA SER A 165 -34.68 -13.09 8.31
C SER A 165 -34.49 -12.84 6.82
N TYR A 166 -33.23 -12.67 6.40
CA TYR A 166 -32.89 -12.42 5.00
C TYR A 166 -33.48 -11.10 4.54
N THR A 167 -33.25 -10.05 5.33
CA THR A 167 -33.79 -8.72 5.07
C THR A 167 -32.64 -7.75 4.81
N ILE A 168 -32.99 -6.53 4.34
CA ILE A 168 -32.00 -5.56 3.91
C ILE A 168 -32.07 -4.32 4.81
N HIS A 169 -30.89 -3.87 5.26
CA HIS A 169 -30.76 -2.83 6.27
C HIS A 169 -29.75 -1.80 5.79
N PRO A 170 -29.76 -0.57 6.34
CA PRO A 170 -28.67 0.38 6.11
C PRO A 170 -27.35 -0.31 6.50
N LEU A 171 -26.29 -0.04 5.75
CA LEU A 171 -24.98 -0.60 6.07
C LEU A 171 -24.60 -0.17 7.49
N GLY A 172 -24.12 -1.14 8.29
CA GLY A 172 -23.56 -0.87 9.61
C GLY A 172 -22.17 -0.25 9.52
N ARG A 173 -22.13 1.06 9.24
CA ARG A 173 -20.90 1.73 8.83
C ARG A 173 -19.83 1.62 9.91
N ASP A 174 -20.26 1.45 11.17
CA ASP A 174 -19.34 1.40 12.30
C ASP A 174 -18.61 0.06 12.34
N TYR A 175 -19.14 -0.94 11.63
CA TYR A 175 -18.59 -2.30 11.69
C TYR A 175 -17.71 -2.57 10.47
N TYR A 176 -17.80 -1.69 9.47
CA TYR A 176 -17.21 -1.93 8.15
C TYR A 176 -15.69 -1.86 8.24
N ALA A 177 -15.04 -2.92 7.74
CA ALA A 177 -13.59 -2.96 7.61
C ALA A 177 -13.20 -3.38 6.18
N GLY A 178 -14.07 -3.10 5.21
CA GLY A 178 -13.74 -3.34 3.81
C GLY A 178 -14.56 -4.47 3.18
N GLY A 179 -14.36 -4.66 1.87
CA GLY A 179 -14.90 -5.81 1.17
C GLY A 179 -15.80 -5.43 0.00
N LEU A 180 -15.38 -5.79 -1.22
CA LEU A 180 -16.26 -5.83 -2.38
C LEU A 180 -16.29 -7.26 -2.94
N PHE A 181 -16.34 -8.26 -2.05
CA PHE A 181 -16.29 -9.65 -2.46
C PHE A 181 -17.70 -10.19 -2.70
N GLY A 182 -18.73 -9.42 -2.33
CA GLY A 182 -20.11 -9.82 -2.56
C GLY A 182 -21.08 -8.64 -2.42
N TYR A 183 -21.54 -8.09 -3.56
CA TYR A 183 -22.42 -6.94 -3.52
C TYR A 183 -23.40 -6.97 -4.69
N ILE A 184 -24.63 -6.52 -4.40
CA ILE A 184 -25.72 -6.45 -5.37
C ILE A 184 -25.96 -4.97 -5.67
N LEU A 185 -25.94 -4.61 -6.95
CA LEU A 185 -26.11 -3.24 -7.34
C LEU A 185 -26.77 -3.17 -8.73
N ASP A 186 -27.20 -1.96 -9.10
CA ASP A 186 -27.71 -1.69 -10.44
C ASP A 186 -27.00 -0.45 -10.97
N TYR A 187 -27.43 0.02 -12.15
CA TYR A 187 -26.76 1.07 -12.90
C TYR A 187 -26.60 2.34 -12.07
N ARG A 188 -27.50 2.53 -11.07
CA ARG A 188 -27.53 3.80 -10.33
C ARG A 188 -26.30 3.92 -9.44
N ALA A 189 -25.98 2.83 -8.73
CA ALA A 189 -24.80 2.77 -7.87
C ALA A 189 -23.55 2.81 -8.74
N ALA A 190 -23.55 2.01 -9.83
CA ALA A 190 -22.40 1.88 -10.72
C ALA A 190 -22.04 3.24 -11.33
N GLN A 191 -23.07 3.97 -11.78
CA GLN A 191 -22.86 5.25 -12.45
C GLN A 191 -22.34 6.28 -11.44
N TYR A 192 -22.85 6.22 -10.21
CA TYR A 192 -22.41 7.11 -9.16
C TYR A 192 -20.92 6.88 -8.87
N PHE A 193 -20.53 5.62 -8.70
CA PHE A 193 -19.12 5.27 -8.46
C PHE A 193 -18.26 5.75 -9.63
N VAL A 194 -18.73 5.52 -10.87
CA VAL A 194 -18.00 5.92 -12.07
C VAL A 194 -17.83 7.45 -12.07
N ASP A 195 -18.90 8.16 -11.70
CA ASP A 195 -18.89 9.62 -11.66
C ASP A 195 -17.91 10.10 -10.59
N TYR A 196 -17.92 9.44 -9.44
CA TYR A 196 -17.03 9.81 -8.35
C TYR A 196 -15.59 9.78 -8.84
N ILE A 197 -15.24 8.72 -9.57
CA ILE A 197 -13.87 8.52 -10.05
C ILE A 197 -13.52 9.58 -11.09
N SER A 198 -14.52 10.03 -11.88
CA SER A 198 -14.26 11.06 -12.87
C SER A 198 -13.92 12.40 -12.21
N TYR A 199 -14.29 12.56 -10.93
CA TYR A 199 -14.01 13.79 -10.20
C TYR A 199 -12.88 13.61 -9.18
N ASN A 200 -12.33 12.40 -9.07
CA ASN A 200 -11.42 12.11 -7.96
C ASN A 200 -10.24 11.24 -8.38
N GLY A 201 -10.32 10.63 -9.56
CA GLY A 201 -9.44 9.49 -9.84
C GLY A 201 -9.68 8.37 -8.83
N ILE A 202 -8.69 7.48 -8.67
CA ILE A 202 -8.78 6.42 -7.68
C ILE A 202 -7.66 6.60 -6.66
N ARG A 203 -8.00 7.28 -5.55
CA ARG A 203 -7.04 7.68 -4.54
C ARG A 203 -7.23 6.86 -3.26
N ILE A 204 -8.13 5.88 -3.34
CA ILE A 204 -8.59 5.11 -2.19
C ILE A 204 -8.78 3.69 -2.68
N VAL A 205 -8.35 2.70 -1.89
CA VAL A 205 -8.53 1.30 -2.26
C VAL A 205 -10.02 1.07 -2.56
N ILE A 206 -10.29 0.23 -3.57
CA ILE A 206 -11.53 0.33 -4.33
C ILE A 206 -12.76 0.07 -3.45
N ASP A 207 -12.63 -0.81 -2.45
CA ASP A 207 -13.72 -1.10 -1.54
C ASP A 207 -14.04 0.14 -0.68
N TYR A 208 -12.99 0.72 -0.08
CA TYR A 208 -13.14 1.92 0.73
C TYR A 208 -13.62 3.10 -0.13
N LEU A 209 -13.36 3.05 -1.44
CA LEU A 209 -13.82 4.10 -2.33
C LEU A 209 -15.35 4.13 -2.33
N THR A 210 -16.00 2.97 -2.42
CA THR A 210 -17.46 2.92 -2.39
C THR A 210 -17.95 3.46 -1.05
N TYR A 211 -17.23 3.08 0.02
CA TYR A 211 -17.61 3.43 1.39
C TYR A 211 -17.51 4.94 1.62
N ARG A 212 -16.53 5.58 0.98
CA ARG A 212 -16.22 6.99 1.21
C ARG A 212 -16.91 7.87 0.16
N SER A 213 -17.55 7.24 -0.83
CA SER A 213 -18.07 7.95 -1.99
C SER A 213 -19.29 8.80 -1.64
N GLY A 214 -19.98 8.43 -0.57
CA GLY A 214 -21.18 9.13 -0.14
C GLY A 214 -22.45 8.47 -0.66
N PHE A 215 -22.30 7.43 -1.49
CA PHE A 215 -23.47 6.71 -1.98
C PHE A 215 -24.09 5.93 -0.83
N PRO A 216 -25.44 5.91 -0.68
CA PRO A 216 -26.09 5.12 0.36
C PRO A 216 -25.84 3.63 0.14
N MET A 217 -25.39 2.95 1.20
CA MET A 217 -25.10 1.52 1.10
C MET A 217 -25.99 0.75 2.06
N TYR A 218 -26.31 -0.48 1.68
CA TYR A 218 -27.15 -1.36 2.48
C TYR A 218 -26.41 -2.69 2.70
N GLU A 219 -27.00 -3.54 3.52
CA GLU A 219 -26.46 -4.84 3.85
C GLU A 219 -27.59 -5.85 4.02
N SER A 220 -27.29 -7.12 3.81
CA SER A 220 -28.22 -8.19 4.12
C SER A 220 -27.97 -8.65 5.55
N HIS A 221 -29.06 -9.07 6.20
CA HIS A 221 -29.02 -9.86 7.43
C HIS A 221 -29.66 -11.21 7.12
N PRO A 222 -28.92 -12.34 7.21
CA PRO A 222 -27.49 -12.30 7.49
C PRO A 222 -26.70 -12.00 6.22
N HIS A 223 -25.37 -11.99 6.34
CA HIS A 223 -24.48 -12.09 5.19
C HIS A 223 -24.66 -13.45 4.54
N LEU A 224 -24.48 -13.49 3.21
CA LEU A 224 -24.68 -14.71 2.43
C LEU A 224 -23.34 -15.34 2.07
N VAL A 225 -22.27 -14.54 2.09
CA VAL A 225 -20.95 -14.96 1.64
C VAL A 225 -19.91 -14.43 2.61
N TYR A 226 -18.73 -15.06 2.59
CA TYR A 226 -17.60 -14.70 3.46
C TYR A 226 -16.30 -15.15 2.79
N THR A 227 -15.17 -14.58 3.22
CA THR A 227 -13.87 -14.91 2.61
C THR A 227 -13.02 -15.75 3.54
N VAL A 237 -3.05 -16.75 3.82
CA VAL A 237 -4.29 -16.79 2.98
C VAL A 237 -3.93 -16.37 1.56
N ASP A 238 -4.36 -17.20 0.60
CA ASP A 238 -4.14 -17.03 -0.82
C ASP A 238 -4.58 -15.64 -1.27
N SER A 239 -3.63 -14.86 -1.78
CA SER A 239 -3.88 -13.49 -2.18
C SER A 239 -2.93 -13.08 -3.31
N ASP A 240 -3.49 -12.46 -4.35
CA ASP A 240 -2.68 -11.90 -5.41
C ASP A 240 -2.46 -10.40 -5.17
N ILE A 241 -2.81 -9.91 -3.97
CA ILE A 241 -2.75 -8.47 -3.72
C ILE A 241 -1.89 -8.16 -2.50
N GLN A 242 -2.12 -8.88 -1.40
CA GLN A 242 -1.72 -8.40 -0.10
C GLN A 242 -0.19 -8.49 0.11
N HIS A 243 0.47 -9.34 -0.70
CA HIS A 243 1.89 -9.58 -0.54
C HIS A 243 2.69 -8.93 -1.68
N GLN A 244 1.99 -8.20 -2.56
CA GLN A 244 2.66 -7.52 -3.66
C GLN A 244 2.84 -6.04 -3.31
N TYR A 245 4.11 -5.62 -3.14
CA TYR A 245 4.43 -4.26 -2.72
C TYR A 245 5.09 -3.49 -3.85
N ASP A 246 5.46 -4.19 -4.94
N ASP A 246 5.44 -4.19 -4.94
CA ASP A 246 5.97 -3.57 -6.16
CA ASP A 246 5.99 -3.59 -6.15
C ASP A 246 4.90 -2.66 -6.76
C ASP A 246 4.91 -2.70 -6.77
N ARG A 247 5.29 -1.44 -7.15
N ARG A 247 5.30 -1.47 -7.17
CA ARG A 247 4.36 -0.49 -7.74
CA ARG A 247 4.38 -0.52 -7.75
C ARG A 247 4.63 -0.42 -9.25
C ARG A 247 4.62 -0.42 -9.26
N ILE A 248 3.57 -0.15 -10.03
CA ILE A 248 3.69 0.17 -11.45
C ILE A 248 4.53 1.44 -11.55
N LYS A 249 5.57 1.38 -12.39
CA LYS A 249 6.38 2.56 -12.70
C LYS A 249 5.91 3.14 -14.02
N TYR A 250 5.15 4.24 -13.96
CA TYR A 250 4.42 4.74 -15.11
C TYR A 250 5.41 5.23 -16.18
N ALA A 251 5.18 4.80 -17.43
CA ALA A 251 5.93 5.32 -18.55
C ALA A 251 5.39 6.70 -18.89
N ILE A 252 6.25 7.59 -19.40
CA ILE A 252 5.84 8.88 -19.91
C ILE A 252 5.03 8.65 -21.19
N ILE A 253 3.84 9.26 -21.27
CA ILE A 253 3.00 9.06 -22.44
C ILE A 253 2.78 10.39 -23.17
N PRO A 254 2.44 10.38 -24.48
CA PRO A 254 2.27 11.60 -25.25
C PRO A 254 1.14 12.49 -24.73
N ASN A 255 1.44 13.80 -24.59
CA ASN A 255 0.41 14.80 -24.34
C ASN A 255 -0.06 15.36 -25.68
N THR A 256 -1.20 14.86 -26.16
CA THR A 256 -1.74 15.30 -27.43
C THR A 256 -2.94 16.21 -27.19
N TYR A 257 -3.03 16.82 -26.01
CA TYR A 257 -4.25 17.52 -25.62
C TYR A 257 -4.08 19.02 -25.81
N GLU A 258 -4.87 19.57 -26.74
CA GLU A 258 -5.04 21.00 -26.93
C GLU A 258 -6.52 21.33 -26.77
N PHE A 259 -6.82 22.36 -25.98
CA PHE A 259 -8.20 22.72 -25.69
C PHE A 259 -8.44 24.18 -26.06
N ASP A 260 -9.63 24.45 -26.60
CA ASP A 260 -9.96 25.79 -27.09
C ASP A 260 -9.90 26.81 -25.96
N ASP A 261 -10.18 26.36 -24.73
CA ASP A 261 -10.47 27.28 -23.64
C ASP A 261 -9.27 27.44 -22.73
N TYR A 262 -8.15 26.83 -23.12
CA TYR A 262 -6.96 26.81 -22.26
C TYR A 262 -5.73 27.07 -23.13
N VAL A 263 -4.75 27.77 -22.54
CA VAL A 263 -3.41 27.84 -23.09
C VAL A 263 -2.54 26.84 -22.33
N PHE A 264 -1.73 26.08 -23.06
CA PHE A 264 -0.82 25.12 -22.47
C PHE A 264 0.59 25.70 -22.48
N ILE A 265 1.23 25.70 -21.30
CA ILE A 265 2.62 26.10 -21.20
C ILE A 265 3.44 24.89 -20.78
N PRO A 266 4.20 24.26 -21.71
CA PRO A 266 4.95 23.05 -21.40
C PRO A 266 6.03 23.33 -20.36
N ASN A 267 6.17 22.39 -19.42
CA ASN A 267 7.31 22.30 -18.52
C ASN A 267 7.38 23.53 -17.60
N LYS A 268 6.21 24.12 -17.33
CA LYS A 268 6.09 25.21 -16.38
C LYS A 268 4.95 24.89 -15.41
N ASP A 269 5.08 25.41 -14.17
CA ASP A 269 4.08 25.19 -13.15
C ASP A 269 3.93 26.46 -12.32
N SER A 270 2.81 26.56 -11.60
CA SER A 270 2.63 27.56 -10.57
C SER A 270 2.50 26.86 -9.22
N ALA A 271 3.57 26.88 -8.43
CA ALA A 271 3.59 26.16 -7.17
C ALA A 271 2.53 26.73 -6.23
N GLY A 272 1.84 25.83 -5.53
CA GLY A 272 0.81 26.22 -4.57
C GLY A 272 -0.44 26.72 -5.28
N GLY A 273 -1.28 27.45 -4.52
CA GLY A 273 -2.57 27.96 -4.99
C GLY A 273 -3.50 26.81 -5.39
N ASP A 274 -3.43 25.71 -4.64
CA ASP A 274 -4.10 24.48 -5.05
C ASP A 274 -5.50 24.39 -4.45
N ILE A 275 -6.43 23.86 -5.24
CA ILE A 275 -7.70 23.39 -4.71
C ILE A 275 -7.49 21.99 -4.13
N ARG A 276 -6.96 21.07 -4.95
CA ARG A 276 -6.66 19.72 -4.52
C ARG A 276 -5.88 18.99 -5.62
N GLU A 277 -5.30 17.85 -5.26
CA GLU A 277 -4.72 16.93 -6.24
C GLU A 277 -5.78 15.92 -6.63
N VAL A 278 -5.88 15.64 -7.92
CA VAL A 278 -6.79 14.62 -8.41
C VAL A 278 -5.96 13.45 -8.91
N CYS A 279 -5.64 13.46 -10.21
CA CYS A 279 -4.78 12.45 -10.81
C CYS A 279 -4.24 12.98 -12.14
N ALA A 280 -3.09 12.46 -12.58
CA ALA A 280 -2.44 12.93 -13.79
C ALA A 280 -3.12 12.35 -15.03
N ASP A 281 -4.33 12.84 -15.27
CA ASP A 281 -5.13 12.43 -16.41
C ASP A 281 -5.76 13.69 -16.98
N ILE A 282 -5.25 14.12 -18.14
CA ILE A 282 -5.55 15.45 -18.64
C ILE A 282 -7.04 15.60 -18.95
N PRO A 283 -7.71 14.64 -19.64
CA PRO A 283 -9.15 14.74 -19.87
C PRO A 283 -9.96 14.86 -18.58
N ILE A 284 -9.58 14.07 -17.56
CA ILE A 284 -10.25 14.14 -16.28
C ILE A 284 -10.08 15.55 -15.69
N LEU A 285 -8.84 16.06 -15.71
CA LEU A 285 -8.50 17.33 -15.10
C LEU A 285 -9.25 18.47 -15.81
N LYS A 286 -9.24 18.43 -17.15
CA LYS A 286 -9.82 19.49 -17.96
C LYS A 286 -11.30 19.65 -17.62
N ASN A 287 -12.00 18.51 -17.48
CA ASN A 287 -13.43 18.50 -17.17
C ASN A 287 -13.68 19.09 -15.78
N ILE A 288 -12.83 18.72 -14.80
CA ILE A 288 -12.96 19.25 -13.45
C ILE A 288 -12.79 20.77 -13.50
N ALA A 289 -11.80 21.24 -14.26
CA ALA A 289 -11.48 22.66 -14.37
C ALA A 289 -12.63 23.41 -15.05
N ASP A 290 -13.23 22.79 -16.07
CA ASP A 290 -14.38 23.36 -16.78
C ASP A 290 -15.52 23.65 -15.81
N LYS A 291 -15.76 22.71 -14.89
CA LYS A 291 -16.97 22.70 -14.09
C LYS A 291 -16.81 23.59 -12.87
N ASP A 292 -15.58 24.02 -12.58
CA ASP A 292 -15.30 24.77 -11.37
C ASP A 292 -14.90 26.19 -11.71
N ILE A 293 -15.78 27.13 -11.36
CA ILE A 293 -15.61 28.54 -11.68
C ILE A 293 -14.38 29.11 -10.97
N ASN A 294 -14.01 28.50 -9.83
CA ASN A 294 -12.90 29.00 -9.01
C ASN A 294 -11.56 28.51 -9.56
N CYS A 295 -11.61 27.49 -10.42
CA CYS A 295 -10.39 26.93 -10.99
C CYS A 295 -9.92 27.81 -12.15
N VAL A 296 -8.66 28.23 -12.09
CA VAL A 296 -8.09 29.08 -13.14
C VAL A 296 -7.08 28.28 -13.95
N ALA A 297 -6.54 27.20 -13.37
CA ALA A 297 -5.48 26.44 -14.01
C ALA A 297 -5.41 25.03 -13.45
N PHE A 298 -4.83 24.11 -14.25
CA PHE A 298 -4.47 22.80 -13.74
C PHE A 298 -3.14 22.37 -14.34
N ASN A 299 -2.35 21.63 -13.56
CA ASN A 299 -1.13 21.07 -14.11
C ASN A 299 -1.37 19.60 -14.43
N THR A 300 -0.48 19.04 -15.26
CA THR A 300 -0.66 17.70 -15.79
C THR A 300 -0.21 16.68 -14.74
N TYR A 301 0.32 17.16 -13.62
CA TYR A 301 0.67 16.30 -12.50
C TYR A 301 -0.59 15.92 -11.71
N GLY A 302 -1.68 16.68 -11.93
CA GLY A 302 -2.97 16.34 -11.35
C GLY A 302 -3.49 17.38 -10.34
N TRP A 303 -2.80 18.52 -10.23
CA TRP A 303 -3.26 19.58 -9.32
C TRP A 303 -4.18 20.55 -10.04
N VAL A 304 -5.36 20.80 -9.47
CA VAL A 304 -6.25 21.85 -9.94
C VAL A 304 -6.11 23.05 -9.00
N LYS A 305 -6.04 24.26 -9.57
CA LYS A 305 -5.55 25.43 -8.84
C LYS A 305 -6.57 26.57 -8.91
N ASN A 306 -6.64 27.34 -7.82
CA ASN A 306 -7.54 28.50 -7.75
C ASN A 306 -6.75 29.79 -7.93
N ASN A 307 -5.43 29.72 -7.75
CA ASN A 307 -4.57 30.89 -7.90
C ASN A 307 -3.27 30.47 -8.56
N ILE A 308 -2.79 31.30 -9.48
CA ILE A 308 -1.49 31.09 -10.09
C ILE A 308 -0.67 32.35 -9.95
N LYS A 309 0.65 32.18 -10.00
CA LYS A 309 1.58 33.29 -9.97
C LYS A 309 1.48 34.08 -11.29
N PRO A 310 2.10 35.28 -11.38
CA PRO A 310 2.38 35.89 -12.67
C PRO A 310 3.14 34.89 -13.54
N LEU A 311 2.92 34.96 -14.85
CA LEU A 311 3.48 34.00 -15.80
C LEU A 311 5.02 34.02 -15.75
N HIS A 312 5.59 35.19 -15.47
CA HIS A 312 7.05 35.33 -15.45
C HIS A 312 7.62 34.68 -14.18
N GLN A 313 6.74 34.18 -13.31
CA GLN A 313 7.17 33.58 -12.05
C GLN A 313 6.86 32.09 -12.03
N LEU A 314 6.42 31.55 -13.17
CA LEU A 314 6.23 30.11 -13.29
C LEU A 314 7.59 29.42 -13.15
N ILE A 315 7.59 28.25 -12.50
CA ILE A 315 8.81 27.49 -12.29
C ILE A 315 8.84 26.32 -13.27
N ASP A 316 10.04 25.74 -13.46
CA ASP A 316 10.25 24.62 -14.37
C ASP A 316 9.83 23.32 -13.69
N ILE A 317 9.11 22.48 -14.43
CA ILE A 317 8.85 21.11 -14.02
C ILE A 317 9.20 20.17 -15.16
N GLY A 318 9.87 19.07 -14.83
CA GLY A 318 10.25 18.08 -15.83
C GLY A 318 9.08 17.16 -16.16
N ASN A 319 9.26 16.36 -17.22
CA ASN A 319 8.29 15.35 -17.62
C ASN A 319 8.31 14.21 -16.62
N ARG A 320 7.15 13.94 -16.01
CA ARG A 320 7.00 12.83 -15.08
C ARG A 320 6.00 11.83 -15.64
N TYR A 321 4.93 12.34 -16.25
CA TYR A 321 3.82 11.51 -16.67
C TYR A 321 3.59 11.67 -18.17
N TYR A 322 3.88 12.86 -18.68
CA TYR A 322 3.48 13.22 -20.04
C TYR A 322 4.67 13.84 -20.77
N GLU A 323 4.63 13.70 -22.10
CA GLU A 323 5.47 14.50 -22.99
C GLU A 323 4.57 15.42 -23.80
N SER A 324 4.41 16.68 -23.35
CA SER A 324 5.09 17.24 -22.19
C SER A 324 4.10 17.45 -21.05
N ASP A 325 4.62 17.36 -19.82
CA ASP A 325 3.96 17.91 -18.64
C ASP A 325 4.01 19.43 -18.70
N GLY A 326 3.10 20.08 -17.96
CA GLY A 326 3.04 21.53 -17.90
C GLY A 326 1.76 22.01 -17.22
N ILE A 327 1.34 23.24 -17.55
CA ILE A 327 0.18 23.83 -16.92
C ILE A 327 -0.77 24.32 -17.99
N TYR A 328 -2.06 24.03 -17.81
CA TYR A 328 -3.13 24.60 -18.61
C TYR A 328 -3.75 25.75 -17.80
N ILE A 329 -3.88 26.92 -18.45
CA ILE A 329 -4.50 28.09 -17.84
C ILE A 329 -5.70 28.51 -18.69
N LYS A 330 -6.81 28.83 -18.03
CA LYS A 330 -8.03 29.27 -18.70
C LYS A 330 -7.76 30.55 -19.48
N LYS A 331 -8.24 30.60 -20.73
CA LYS A 331 -7.99 31.71 -21.63
C LYS A 331 -8.69 32.98 -21.13
N ASN A 332 -9.88 32.82 -20.55
CA ASN A 332 -10.66 33.96 -20.09
C ASN A 332 -9.87 34.75 -19.05
N TYR A 333 -9.16 34.03 -18.17
CA TYR A 333 -8.30 34.65 -17.18
C TYR A 333 -7.21 35.47 -17.87
N LEU A 334 -6.53 34.86 -18.85
CA LEU A 334 -5.35 35.46 -19.48
C LEU A 334 -5.76 36.63 -20.37
N LEU A 335 -6.96 36.53 -20.96
CA LEU A 335 -7.45 37.55 -21.89
C LEU A 335 -7.77 38.83 -21.13
N LYS A 336 -8.34 38.68 -19.92
CA LYS A 336 -8.59 39.79 -19.01
C LYS A 336 -7.28 40.50 -18.67
N GLU A 337 -6.23 39.74 -18.29
CA GLU A 337 -4.94 40.32 -17.98
C GLU A 337 -4.39 41.06 -19.21
N LYS A 338 -4.48 40.39 -20.37
CA LYS A 338 -3.88 40.89 -21.59
C LYS A 338 -4.44 42.27 -21.91
N ILE A 339 -5.77 42.39 -21.84
CA ILE A 339 -6.46 43.61 -22.23
C ILE A 339 -5.97 44.76 -21.33
N ILE A 340 -5.86 44.48 -20.03
CA ILE A 340 -5.50 45.51 -19.08
C ILE A 340 -4.04 45.90 -19.26
N ILE A 341 -3.15 44.89 -19.34
CA ILE A 341 -1.72 45.16 -19.37
C ILE A 341 -1.37 45.98 -20.61
N ASN A 342 -2.03 45.66 -21.75
CA ASN A 342 -1.73 46.33 -23.00
C ASN A 342 -2.25 47.77 -22.99
N SER A 343 -3.20 48.06 -22.08
CA SER A 343 -3.77 49.40 -21.97
C SER A 343 -2.86 50.32 -21.15
N LEU A 344 -1.90 49.74 -20.43
CA LEU A 344 -1.13 50.47 -19.44
C LEU A 344 0.00 51.27 -20.10
N ASN A 345 0.29 52.44 -19.52
CA ASN A 345 1.38 53.27 -19.98
C ASN A 345 2.69 52.73 -19.41
N LEU A 346 3.28 51.76 -20.11
CA LEU A 346 4.49 51.11 -19.66
C LEU A 346 5.72 51.68 -20.39
N ASN B 25 -3.35 7.01 27.13
CA ASN B 25 -3.24 5.61 26.62
C ASN B 25 -1.96 5.44 25.79
N LEU B 26 -1.44 6.55 25.26
CA LEU B 26 -0.25 6.55 24.41
C LEU B 26 0.92 5.88 25.13
N LYS B 27 1.52 4.89 24.49
CA LYS B 27 2.71 4.22 25.00
C LYS B 27 3.95 4.83 24.34
N ILE B 28 4.89 5.28 25.17
CA ILE B 28 6.12 5.89 24.66
C ILE B 28 7.26 4.88 24.77
N ILE B 29 7.94 4.64 23.64
CA ILE B 29 9.09 3.74 23.59
C ILE B 29 10.28 4.52 23.05
N VAL B 30 11.39 4.51 23.80
CA VAL B 30 12.63 5.17 23.42
C VAL B 30 13.67 4.09 23.10
N ILE B 31 14.16 4.11 21.85
CA ILE B 31 15.20 3.19 21.40
C ILE B 31 16.56 3.71 21.86
N ASN B 32 17.23 2.92 22.69
CA ASN B 32 18.44 3.36 23.38
C ASN B 32 19.39 2.18 23.51
N LEU B 33 20.65 2.37 23.08
CA LEU B 33 21.71 1.39 23.33
C LEU B 33 21.97 1.34 24.83
N LYS B 34 22.13 0.12 25.36
CA LYS B 34 22.43 -0.07 26.77
C LYS B 34 23.69 0.72 27.13
N ARG B 35 24.66 0.79 26.20
CA ARG B 35 25.93 1.42 26.50
C ARG B 35 25.81 2.95 26.50
N ARG B 36 24.76 3.49 25.87
CA ARG B 36 24.61 4.94 25.82
C ARG B 36 23.80 5.42 27.01
N THR B 37 24.33 5.21 28.22
CA THR B 37 23.67 5.60 29.45
C THR B 37 23.60 7.12 29.55
N ASP B 38 24.54 7.80 28.88
CA ASP B 38 24.54 9.25 28.77
C ASP B 38 23.27 9.73 28.06
N ARG B 39 22.96 9.13 26.90
CA ARG B 39 21.76 9.49 26.17
C ARG B 39 20.52 9.17 26.99
N ARG B 40 20.55 8.03 27.69
CA ARG B 40 19.40 7.60 28.47
C ARG B 40 19.10 8.63 29.56
N GLU B 41 20.15 9.07 30.25
CA GLU B 41 20.02 10.02 31.34
C GLU B 41 19.45 11.34 30.83
N ILE B 42 19.96 11.78 29.67
CA ILE B 42 19.50 13.01 29.06
C ILE B 42 17.99 12.91 28.78
N MET B 43 17.57 11.80 28.16
CA MET B 43 16.18 11.61 27.79
C MET B 43 15.28 11.63 29.03
N GLU B 44 15.71 10.96 30.10
CA GLU B 44 14.93 10.87 31.33
C GLU B 44 14.71 12.27 31.91
N LYS B 45 15.77 13.08 31.87
CA LYS B 45 15.71 14.44 32.37
C LYS B 45 14.77 15.27 31.51
N LYS B 46 14.83 15.04 30.18
CA LYS B 46 13.94 15.71 29.23
C LYS B 46 12.49 15.38 29.55
N PHE B 47 12.18 14.09 29.76
CA PHE B 47 10.84 13.65 30.11
C PHE B 47 10.37 14.39 31.35
N GLN B 48 11.24 14.46 32.37
CA GLN B 48 10.91 15.11 33.62
C GLN B 48 10.53 16.58 33.36
N ASP B 49 11.38 17.29 32.63
CA ASP B 49 11.18 18.69 32.30
C ASP B 49 9.88 18.88 31.53
N GLU B 50 9.46 17.84 30.79
CA GLU B 50 8.26 17.97 29.97
C GLU B 50 7.03 17.47 30.74
N ASN B 51 7.28 16.92 31.95
CA ASN B 51 6.24 16.32 32.76
C ASN B 51 5.59 15.15 32.02
N ILE B 52 6.43 14.35 31.34
CA ILE B 52 6.00 13.05 30.85
C ILE B 52 6.49 11.98 31.83
N THR B 53 5.54 11.22 32.40
CA THR B 53 5.79 10.38 33.56
C THR B 53 5.77 8.91 33.18
N GLN B 54 5.23 8.57 32.01
CA GLN B 54 5.26 7.19 31.56
C GLN B 54 5.93 7.06 30.19
N TYR B 55 6.86 6.10 30.11
CA TYR B 55 7.69 5.82 28.96
C TYR B 55 8.54 4.60 29.32
N GLU B 56 9.14 3.96 28.31
CA GLU B 56 10.06 2.85 28.54
C GLU B 56 11.19 2.91 27.53
N PHE B 57 12.35 2.39 27.94
CA PHE B 57 13.48 2.26 27.04
C PHE B 57 13.45 0.89 26.41
N PHE B 58 13.57 0.84 25.07
CA PHE B 58 13.84 -0.39 24.37
C PHE B 58 15.35 -0.57 24.24
N GLU B 59 15.84 -1.74 24.64
CA GLU B 59 17.25 -2.05 24.56
C GLU B 59 17.63 -2.29 23.11
N ALA B 60 18.33 -1.31 22.53
CA ALA B 60 18.63 -1.30 21.11
C ALA B 60 19.66 -2.38 20.78
N PHE B 61 19.52 -2.99 19.61
CA PHE B 61 20.51 -3.93 19.09
C PHE B 61 21.81 -3.18 18.81
N ASP B 62 22.86 -3.51 19.57
CA ASP B 62 24.16 -2.90 19.37
C ASP B 62 24.82 -3.52 18.14
N GLY B 63 24.97 -2.73 17.08
CA GLY B 63 25.59 -3.20 15.84
C GLY B 63 27.00 -3.75 16.09
N GLU B 64 27.69 -3.15 17.08
CA GLU B 64 29.05 -3.52 17.44
C GLU B 64 29.12 -4.94 18.01
N THR B 65 28.01 -5.44 18.60
CA THR B 65 28.08 -6.74 19.25
C THR B 65 27.17 -7.77 18.57
N LEU B 66 26.54 -7.39 17.45
CA LEU B 66 25.80 -8.37 16.65
C LEU B 66 26.76 -9.47 16.23
N ARG B 67 26.36 -10.72 16.50
CA ARG B 67 27.20 -11.87 16.21
C ARG B 67 27.06 -12.22 14.72
N PRO B 68 28.19 -12.41 14.01
CA PRO B 68 28.15 -12.78 12.59
C PRO B 68 27.28 -14.00 12.27
N GLU B 69 27.07 -14.86 13.27
CA GLU B 69 26.37 -16.11 13.07
C GLU B 69 24.90 -15.99 13.50
N ASP B 70 24.50 -14.80 13.96
CA ASP B 70 23.14 -14.61 14.48
C ASP B 70 22.14 -14.72 13.33
N PRO B 71 21.17 -15.67 13.37
CA PRO B 71 20.19 -15.82 12.29
C PRO B 71 19.30 -14.62 11.99
N ILE B 72 19.23 -13.66 12.94
CA ILE B 72 18.37 -12.49 12.79
C ILE B 72 18.88 -11.62 11.62
N LEU B 73 20.14 -11.81 11.23
CA LEU B 73 20.80 -10.97 10.24
C LEU B 73 20.43 -11.39 8.81
N GLY B 74 19.67 -12.50 8.68
CA GLY B 74 19.33 -13.02 7.36
C GLY B 74 18.70 -11.94 6.45
N VAL B 75 17.99 -10.99 7.06
CA VAL B 75 17.26 -9.95 6.34
C VAL B 75 18.22 -9.00 5.61
N PHE B 76 19.51 -9.00 6.00
CA PHE B 76 20.50 -8.08 5.47
C PHE B 76 21.42 -8.77 4.45
N LYS B 77 21.29 -10.09 4.30
CA LYS B 77 22.23 -10.85 3.50
C LYS B 77 21.82 -10.80 2.02
N HIS B 78 22.30 -9.77 1.30
CA HIS B 78 22.00 -9.55 -0.10
C HIS B 78 23.03 -8.56 -0.67
N GLY B 79 22.76 -8.02 -1.86
CA GLY B 79 23.73 -7.23 -2.59
C GLY B 79 23.70 -5.72 -2.26
N VAL B 80 22.79 -5.30 -1.38
CA VAL B 80 22.77 -3.93 -0.94
C VAL B 80 23.57 -3.83 0.36
N HIS B 81 24.90 -3.68 0.20
CA HIS B 81 25.85 -3.94 1.26
C HIS B 81 25.80 -2.87 2.34
N GLY B 82 25.31 -1.68 1.98
CA GLY B 82 25.19 -0.56 2.91
C GLY B 82 24.37 -0.93 4.15
N LEU B 83 23.47 -1.90 4.01
CA LEU B 83 22.60 -2.30 5.11
C LEU B 83 23.39 -3.12 6.13
N SER B 84 24.58 -3.58 5.74
CA SER B 84 25.40 -4.43 6.61
C SER B 84 26.34 -3.59 7.48
N ARG B 85 26.35 -2.27 7.26
CA ARG B 85 27.09 -1.40 8.16
C ARG B 85 26.55 -1.60 9.58
N LYS B 86 27.46 -1.74 10.54
CA LYS B 86 27.13 -2.29 11.85
C LYS B 86 26.01 -1.47 12.51
N GLY B 87 26.14 -0.15 12.50
CA GLY B 87 25.17 0.74 13.14
C GLY B 87 23.84 0.76 12.39
N VAL B 88 23.92 0.79 11.05
CA VAL B 88 22.76 0.78 10.18
C VAL B 88 21.92 -0.47 10.48
N ALA B 89 22.61 -1.62 10.61
CA ALA B 89 21.96 -2.90 10.81
C ALA B 89 21.30 -2.96 12.18
N GLY B 90 22.01 -2.47 13.21
CA GLY B 90 21.50 -2.45 14.57
C GLY B 90 20.24 -1.59 14.67
N CYS B 91 20.28 -0.43 14.03
CA CYS B 91 19.16 0.50 14.00
C CYS B 91 17.97 -0.17 13.33
N ALA B 92 18.20 -0.79 12.17
CA ALA B 92 17.16 -1.47 11.43
C ALA B 92 16.48 -2.54 12.30
N LEU B 93 17.30 -3.36 12.96
CA LEU B 93 16.80 -4.42 13.83
C LEU B 93 15.96 -3.83 14.97
N SER B 94 16.38 -2.68 15.51
CA SER B 94 15.73 -2.08 16.67
C SER B 94 14.29 -1.65 16.34
N HIS B 95 14.15 -0.86 15.27
CA HIS B 95 12.84 -0.41 14.84
C HIS B 95 11.96 -1.60 14.43
N TYR B 96 12.58 -2.59 13.75
CA TYR B 96 11.86 -3.74 13.23
C TYR B 96 11.31 -4.57 14.39
N THR B 97 12.10 -4.71 15.46
CA THR B 97 11.71 -5.48 16.63
C THR B 97 10.58 -4.75 17.36
N VAL B 98 10.70 -3.42 17.44
CA VAL B 98 9.65 -2.58 18.01
C VAL B 98 8.36 -2.75 17.21
N TRP B 99 8.46 -2.83 15.88
CA TRP B 99 7.28 -3.03 15.04
C TRP B 99 6.61 -4.38 15.32
N GLN B 100 7.42 -5.41 15.56
CA GLN B 100 6.90 -6.75 15.83
C GLN B 100 6.07 -6.74 17.10
N LYS B 101 6.58 -6.03 18.12
CA LYS B 101 5.87 -5.86 19.39
C LYS B 101 4.55 -5.13 19.15
N ILE B 102 4.60 -4.00 18.44
CA ILE B 102 3.41 -3.19 18.21
C ILE B 102 2.40 -3.96 17.36
N ALA B 103 2.90 -4.72 16.37
CA ALA B 103 2.07 -5.47 15.45
C ALA B 103 1.19 -6.45 16.21
N ALA B 104 1.71 -6.99 17.32
CA ALA B 104 1.01 -7.97 18.15
C ALA B 104 -0.14 -7.33 18.92
N ASP B 105 -0.08 -6.01 19.14
CA ASP B 105 -1.07 -5.32 19.95
C ASP B 105 -2.22 -4.80 19.08
N THR B 106 -3.20 -5.67 18.82
CA THR B 106 -4.27 -5.36 17.88
C THR B 106 -5.41 -4.64 18.59
N SER B 107 -5.15 -4.17 19.82
CA SER B 107 -6.11 -3.37 20.55
C SER B 107 -6.25 -1.99 19.91
N GLY B 108 -5.25 -1.58 19.12
CA GLY B 108 -5.29 -0.27 18.46
C GLY B 108 -4.65 0.82 19.32
N THR B 109 -4.01 0.42 20.43
CA THR B 109 -3.31 1.36 21.30
C THR B 109 -2.21 2.08 20.49
N LYS B 110 -2.11 3.39 20.70
CA LYS B 110 -1.13 4.19 19.99
C LYS B 110 0.23 4.11 20.69
N TYR B 111 1.30 4.05 19.89
CA TYR B 111 2.66 4.05 20.39
C TYR B 111 3.40 5.25 19.82
N LEU B 112 4.16 5.93 20.68
CA LEU B 112 5.12 6.93 20.23
C LEU B 112 6.52 6.37 20.39
N VAL B 113 7.17 6.16 19.25
CA VAL B 113 8.53 5.64 19.19
C VAL B 113 9.47 6.83 18.98
N LEU B 114 10.45 6.94 19.88
CA LEU B 114 11.44 8.01 19.83
C LEU B 114 12.84 7.39 19.77
N GLU B 115 13.75 8.06 19.07
CA GLU B 115 15.17 7.82 19.26
C GLU B 115 15.65 8.65 20.45
N ASP B 116 16.89 8.39 20.89
CA ASP B 116 17.31 8.74 22.23
C ASP B 116 18.19 9.99 22.22
N ASP B 117 18.10 10.77 21.14
CA ASP B 117 18.88 12.00 21.04
C ASP B 117 18.00 13.15 20.53
N ILE B 118 16.69 13.05 20.76
CA ILE B 118 15.77 14.04 20.22
C ILE B 118 15.60 15.19 21.23
N ASN B 119 15.12 16.34 20.73
CA ASN B 119 14.70 17.44 21.58
C ASN B 119 13.20 17.62 21.44
N PHE B 120 12.54 17.98 22.54
CA PHE B 120 11.13 18.33 22.53
C PHE B 120 11.00 19.84 22.38
N LYS B 121 10.09 20.27 21.50
CA LYS B 121 9.76 21.67 21.36
C LYS B 121 8.97 22.11 22.59
N PRO B 122 9.03 23.40 23.00
CA PRO B 122 8.32 23.88 24.20
C PRO B 122 6.87 23.45 24.23
N ASN B 123 6.39 23.15 25.45
CA ASN B 123 5.01 22.75 25.74
C ASN B 123 4.69 21.41 25.08
N PHE B 124 5.67 20.49 25.10
CA PHE B 124 5.57 19.22 24.41
C PHE B 124 4.31 18.48 24.85
N LYS B 125 4.13 18.33 26.17
CA LYS B 125 3.10 17.44 26.69
C LYS B 125 1.72 17.93 26.24
N GLU B 126 1.51 19.25 26.33
CA GLU B 126 0.24 19.86 25.95
C GLU B 126 0.05 19.75 24.44
N ASN B 127 1.12 19.99 23.68
CA ASN B 127 1.07 19.98 22.23
C ASN B 127 0.78 18.57 21.70
N LEU B 128 1.43 17.56 22.29
CA LEU B 128 1.21 16.18 21.92
C LEU B 128 -0.26 15.83 22.15
N SER B 129 -0.78 16.25 23.30
CA SER B 129 -2.17 16.02 23.68
C SER B 129 -3.11 16.58 22.61
N LYS B 130 -2.83 17.80 22.15
CA LYS B 130 -3.65 18.44 21.12
C LYS B 130 -3.59 17.65 19.82
N VAL B 131 -2.38 17.21 19.45
CA VAL B 131 -2.17 16.42 18.24
C VAL B 131 -2.95 15.12 18.33
N MET B 132 -2.84 14.42 19.47
CA MET B 132 -3.50 13.14 19.68
C MET B 132 -5.01 13.28 19.48
N LYS B 133 -5.57 14.40 19.95
CA LYS B 133 -7.01 14.61 19.91
C LYS B 133 -7.50 14.76 18.48
N THR B 134 -6.59 15.09 17.55
CA THR B 134 -6.99 15.38 16.19
C THR B 134 -6.92 14.13 15.30
N ILE B 135 -6.37 13.02 15.84
CA ILE B 135 -6.11 11.83 15.04
C ILE B 135 -7.43 11.24 14.52
N GLU B 136 -7.45 10.93 13.22
CA GLU B 136 -8.58 10.27 12.60
C GLU B 136 -8.28 8.78 12.48
N PRO B 137 -9.31 7.91 12.33
CA PRO B 137 -9.12 6.46 12.41
C PRO B 137 -8.18 5.82 11.38
N SER B 138 -7.96 6.53 10.26
CA SER B 138 -7.15 5.98 9.18
C SER B 138 -5.70 6.45 9.27
N GLN B 139 -5.38 7.28 10.26
CA GLN B 139 -4.06 7.89 10.39
C GLN B 139 -3.18 7.00 11.27
N ALA B 140 -2.61 5.96 10.66
CA ALA B 140 -1.98 4.88 11.41
C ALA B 140 -0.48 5.10 11.59
N MET B 141 0.09 6.03 10.81
CA MET B 141 1.52 6.29 10.85
C MET B 141 1.75 7.79 10.70
N ILE B 142 2.22 8.43 11.78
CA ILE B 142 2.34 9.89 11.83
C ILE B 142 3.75 10.25 12.30
N LEU B 143 4.49 10.99 11.46
CA LEU B 143 5.74 11.59 11.87
C LEU B 143 5.45 12.87 12.65
N ILE B 144 6.04 12.99 13.86
CA ILE B 144 5.95 14.24 14.62
C ILE B 144 7.31 14.94 14.58
N GLY B 145 8.22 14.38 13.77
CA GLY B 145 9.48 15.01 13.41
C GLY B 145 10.09 14.27 12.21
N MET B 146 10.88 14.98 11.40
CA MET B 146 11.64 14.33 10.33
C MET B 146 12.75 15.26 9.88
N THR B 147 13.72 14.70 9.13
CA THR B 147 14.76 15.48 8.49
C THR B 147 14.18 16.06 7.20
N VAL B 148 14.24 17.39 7.09
CA VAL B 148 13.68 18.09 5.94
C VAL B 148 14.83 18.38 4.97
N ASN B 149 14.59 18.18 3.67
CA ASN B 149 15.63 18.43 2.67
C ASN B 149 15.88 19.94 2.51
N VAL B 153 11.80 25.87 2.04
CA VAL B 153 12.36 26.32 3.35
C VAL B 153 11.40 27.34 3.96
N THR B 154 10.83 28.20 3.10
CA THR B 154 9.76 29.10 3.51
C THR B 154 8.56 28.29 3.95
N LYS B 155 8.17 27.32 3.11
CA LYS B 155 6.96 26.56 3.29
C LYS B 155 7.14 25.58 4.45
N THR B 156 8.35 24.99 4.54
CA THR B 156 8.60 23.96 5.55
C THR B 156 8.73 24.60 6.93
N ARG B 157 9.33 25.79 7.01
CA ARG B 157 9.41 26.49 8.29
C ARG B 157 8.00 26.83 8.80
N ASP B 158 7.14 27.25 7.87
CA ASP B 158 5.79 27.65 8.23
C ASP B 158 5.00 26.46 8.77
N ILE B 159 5.13 25.30 8.13
CA ILE B 159 4.29 24.15 8.46
C ILE B 159 4.92 23.32 9.57
N TYR B 160 6.25 23.32 9.65
CA TYR B 160 6.97 22.40 10.53
C TYR B 160 7.41 23.11 11.82
N GLU B 161 7.67 24.42 11.75
CA GLU B 161 8.27 25.13 12.86
C GLU B 161 7.32 26.17 13.45
N LEU B 162 6.72 27.01 12.59
CA LEU B 162 6.01 28.21 13.03
C LEU B 162 4.53 27.91 13.30
N ASP B 163 4.01 26.84 12.69
CA ASP B 163 2.60 26.48 12.74
C ASP B 163 2.17 26.30 14.20
N THR B 164 0.92 26.73 14.50
CA THR B 164 0.39 26.61 15.84
C THR B 164 -1.02 26.02 15.77
N SER B 165 -1.26 25.14 14.78
CA SER B 165 -2.56 24.52 14.60
C SER B 165 -2.63 23.16 15.28
N TYR B 166 -1.51 22.42 15.25
CA TYR B 166 -1.41 21.10 15.88
C TYR B 166 -2.38 20.14 15.22
N THR B 167 -2.28 20.06 13.89
CA THR B 167 -3.16 19.23 13.09
C THR B 167 -2.33 18.16 12.37
N ILE B 168 -3.01 17.18 11.76
CA ILE B 168 -2.35 16.05 11.11
C ILE B 168 -2.66 16.09 9.61
N HIS B 169 -1.60 15.94 8.81
CA HIS B 169 -1.66 16.12 7.37
C HIS B 169 -1.02 14.91 6.70
N PRO B 170 -1.30 14.64 5.40
CA PRO B 170 -0.51 13.67 4.62
C PRO B 170 0.95 14.08 4.72
N LEU B 171 1.84 13.08 4.79
CA LEU B 171 3.27 13.36 4.81
C LEU B 171 3.64 14.18 3.58
N GLY B 172 4.42 15.25 3.81
CA GLY B 172 4.95 16.06 2.73
C GLY B 172 6.11 15.36 2.04
N ARG B 173 5.79 14.41 1.16
CA ARG B 173 6.74 13.44 0.65
C ARG B 173 7.89 14.14 -0.07
N ASP B 174 7.60 15.34 -0.60
CA ASP B 174 8.58 16.09 -1.39
C ASP B 174 9.65 16.70 -0.48
N TYR B 175 9.37 16.79 0.83
CA TYR B 175 10.26 17.48 1.76
C TYR B 175 11.08 16.46 2.55
N TYR B 176 10.68 15.19 2.47
CA TYR B 176 11.22 14.15 3.35
C TYR B 176 12.67 13.85 3.01
N ALA B 177 13.54 13.87 4.04
CA ALA B 177 14.93 13.46 3.90
C ALA B 177 15.31 12.46 4.98
N GLY B 178 14.32 11.72 5.51
CA GLY B 178 14.60 10.64 6.45
C GLY B 178 14.09 10.94 7.86
N GLY B 179 14.20 9.94 8.75
CA GLY B 179 13.90 10.13 10.15
C GLY B 179 12.82 9.15 10.65
N LEU B 180 13.22 8.29 11.58
CA LEU B 180 12.28 7.59 12.46
C LEU B 180 12.58 7.96 13.92
N PHE B 181 12.88 9.24 14.17
CA PHE B 181 13.25 9.67 15.52
C PHE B 181 12.01 10.08 16.32
N GLY B 182 10.86 10.17 15.66
CA GLY B 182 9.63 10.50 16.38
C GLY B 182 8.39 10.21 15.55
N TYR B 183 7.72 9.09 15.86
CA TYR B 183 6.56 8.68 15.08
C TYR B 183 5.53 7.98 15.96
N ILE B 184 4.25 8.23 15.65
CA ILE B 184 3.11 7.66 16.33
C ILE B 184 2.46 6.65 15.39
N LEU B 185 2.30 5.42 15.86
CA LEU B 185 1.74 4.37 15.03
C LEU B 185 0.98 3.37 15.89
N ASP B 186 0.18 2.52 15.21
CA ASP B 186 -0.50 1.40 15.85
C ASP B 186 -0.18 0.13 15.06
N TYR B 187 -0.81 -0.98 15.44
CA TYR B 187 -0.50 -2.32 14.97
C TYR B 187 -0.62 -2.38 13.44
N ARG B 188 -1.43 -1.51 12.84
CA ARG B 188 -1.73 -1.62 11.42
C ARG B 188 -0.49 -1.24 10.60
N ALA B 189 0.16 -0.13 10.99
CA ALA B 189 1.37 0.33 10.34
C ALA B 189 2.49 -0.67 10.61
N ALA B 190 2.61 -1.10 11.88
CA ALA B 190 3.66 -2.00 12.31
C ALA B 190 3.58 -3.32 11.55
N GLN B 191 2.37 -3.88 11.41
CA GLN B 191 2.18 -5.16 10.77
C GLN B 191 2.48 -5.05 9.27
N TYR B 192 2.11 -3.92 8.67
CA TYR B 192 2.38 -3.67 7.26
C TYR B 192 3.89 -3.64 7.02
N PHE B 193 4.63 -2.89 7.85
CA PHE B 193 6.09 -2.84 7.74
C PHE B 193 6.68 -4.23 7.91
N VAL B 194 6.19 -4.97 8.91
CA VAL B 194 6.68 -6.31 9.21
C VAL B 194 6.43 -7.23 8.02
N ASP B 195 5.24 -7.10 7.41
CA ASP B 195 4.86 -7.90 6.26
C ASP B 195 5.75 -7.58 5.06
N TYR B 196 6.02 -6.28 4.86
CA TYR B 196 6.86 -5.82 3.77
C TYR B 196 8.21 -6.53 3.85
N ILE B 197 8.78 -6.57 5.06
CA ILE B 197 10.10 -7.12 5.28
C ILE B 197 10.08 -8.63 5.05
N SER B 198 8.95 -9.28 5.36
CA SER B 198 8.88 -10.71 5.17
C SER B 198 8.88 -11.07 3.67
N TYR B 199 8.56 -10.11 2.81
CA TYR B 199 8.55 -10.35 1.37
C TYR B 199 9.73 -9.67 0.68
N ASN B 200 10.59 -8.97 1.45
CA ASN B 200 11.60 -8.13 0.82
C ASN B 200 12.95 -8.17 1.54
N GLY B 201 12.98 -8.74 2.74
CA GLY B 201 14.11 -8.52 3.62
C GLY B 201 14.25 -7.03 3.94
N ILE B 202 15.45 -6.62 4.38
CA ILE B 202 15.70 -5.20 4.64
C ILE B 202 16.80 -4.73 3.69
N ARG B 203 16.38 -4.15 2.56
CA ARG B 203 17.25 -3.79 1.46
C ARG B 203 17.32 -2.26 1.36
N ILE B 204 16.74 -1.58 2.36
CA ILE B 204 16.59 -0.13 2.37
C ILE B 204 16.82 0.33 3.80
N VAL B 205 17.55 1.44 4.00
CA VAL B 205 17.76 1.96 5.35
C VAL B 205 16.38 2.18 5.99
N ILE B 206 16.29 1.91 7.31
CA ILE B 206 15.02 1.52 7.91
C ILE B 206 13.98 2.65 7.81
N ASP B 207 14.43 3.91 7.88
CA ASP B 207 13.53 5.06 7.77
C ASP B 207 12.97 5.13 6.35
N TYR B 208 13.86 5.06 5.34
CA TYR B 208 13.46 5.07 3.94
C TYR B 208 12.60 3.85 3.62
N LEU B 209 12.77 2.76 4.37
CA LEU B 209 11.94 1.57 4.16
C LEU B 209 10.47 1.90 4.40
N THR B 210 10.17 2.62 5.48
CA THR B 210 8.79 3.00 5.74
C THR B 210 8.29 3.89 4.61
N TYR B 211 9.17 4.79 4.16
CA TYR B 211 8.81 5.82 3.19
C TYR B 211 8.52 5.19 1.84
N ARG B 212 9.23 4.10 1.51
N ARG B 212 9.25 4.12 1.49
CA ARG B 212 9.16 3.50 0.18
CA ARG B 212 9.15 3.51 0.17
C ARG B 212 8.23 2.29 0.20
C ARG B 212 8.15 2.35 0.18
N SER B 213 7.69 1.96 1.38
CA SER B 213 6.90 0.74 1.56
C SER B 213 5.53 0.83 0.88
N GLY B 214 5.04 2.05 0.69
CA GLY B 214 3.73 2.27 0.08
C GLY B 214 2.64 2.46 1.14
N PHE B 215 3.00 2.34 2.42
CA PHE B 215 2.05 2.59 3.48
C PHE B 215 1.73 4.09 3.53
N PRO B 216 0.46 4.50 3.72
CA PRO B 216 0.13 5.92 3.85
C PRO B 216 0.76 6.50 5.13
N MET B 217 1.47 7.62 4.97
CA MET B 217 2.14 8.24 6.11
C MET B 217 1.60 9.66 6.29
N TYR B 218 1.61 10.12 7.56
CA TYR B 218 1.09 11.43 7.91
C TYR B 218 2.15 12.19 8.71
N GLU B 219 1.86 13.46 9.00
CA GLU B 219 2.77 14.32 9.73
C GLU B 219 1.97 15.29 10.60
N SER B 220 2.58 15.77 11.68
CA SER B 220 1.99 16.83 12.47
C SER B 220 2.47 18.19 11.96
N HIS B 221 1.59 19.19 12.07
CA HIS B 221 1.95 20.60 11.92
C HIS B 221 1.64 21.28 13.26
N PRO B 222 2.66 21.81 13.98
CA PRO B 222 4.06 21.67 13.58
C PRO B 222 4.61 20.31 13.99
N HIS B 223 5.91 20.11 13.74
CA HIS B 223 6.68 19.04 14.34
C HIS B 223 6.79 19.28 15.84
N LEU B 224 6.82 18.19 16.60
CA LEU B 224 6.85 18.26 18.05
C LEU B 224 8.26 17.97 18.57
N VAL B 225 9.10 17.31 17.75
CA VAL B 225 10.43 16.90 18.15
C VAL B 225 11.41 17.17 17.00
N TYR B 226 12.70 17.24 17.31
CA TYR B 226 13.74 17.53 16.33
C TYR B 226 15.07 16.96 16.86
N THR B 227 16.05 16.75 15.96
CA THR B 227 17.34 16.18 16.37
C THR B 227 18.42 17.23 16.31
N HIS B 236 32.48 16.43 15.50
CA HIS B 236 31.55 15.54 14.75
C HIS B 236 30.23 15.45 15.52
N VAL B 237 29.15 15.15 14.81
CA VAL B 237 27.84 14.94 15.41
C VAL B 237 27.81 13.57 16.09
N ASP B 238 27.35 13.54 17.34
CA ASP B 238 27.25 12.30 18.13
C ASP B 238 26.35 11.30 17.39
N SER B 239 26.94 10.17 17.01
CA SER B 239 26.25 9.18 16.19
C SER B 239 26.91 7.81 16.36
N ASP B 240 26.08 6.79 16.59
CA ASP B 240 26.58 5.43 16.61
C ASP B 240 26.32 4.75 15.27
N ILE B 241 25.99 5.54 14.25
CA ILE B 241 25.72 4.97 12.94
C ILE B 241 26.62 5.62 11.87
N GLN B 242 26.65 6.95 11.87
CA GLN B 242 27.08 7.68 10.68
C GLN B 242 28.60 7.63 10.52
N HIS B 243 29.34 7.20 11.56
CA HIS B 243 30.80 7.17 11.49
C HIS B 243 31.29 5.75 11.22
N GLN B 244 30.38 4.77 11.23
CA GLN B 244 30.78 3.38 11.16
C GLN B 244 30.51 2.84 9.75
N TYR B 245 31.60 2.52 9.03
CA TYR B 245 31.52 2.06 7.65
C TYR B 245 31.90 0.58 7.55
N ASP B 246 32.42 0.02 8.64
CA ASP B 246 32.70 -1.40 8.75
C ASP B 246 31.39 -2.17 8.68
N ARG B 247 31.38 -3.23 7.86
CA ARG B 247 30.22 -4.09 7.71
C ARG B 247 30.40 -5.36 8.55
N ILE B 248 29.27 -5.90 9.03
CA ILE B 248 29.23 -7.26 9.56
C ILE B 248 29.70 -8.21 8.47
N LYS B 249 30.67 -9.08 8.81
CA LYS B 249 31.07 -10.17 7.94
C LYS B 249 30.40 -11.46 8.42
N TYR B 250 29.40 -11.91 7.65
CA TYR B 250 28.51 -12.97 8.09
C TYR B 250 29.28 -14.28 8.21
N ALA B 251 29.05 -15.00 9.31
CA ALA B 251 29.54 -16.36 9.44
C ALA B 251 28.63 -17.29 8.62
N ILE B 252 29.20 -18.37 8.07
CA ILE B 252 28.42 -19.44 7.47
C ILE B 252 27.65 -20.14 8.59
N ILE B 253 26.33 -20.33 8.41
CA ILE B 253 25.54 -20.94 9.48
C ILE B 253 24.93 -22.25 8.98
N PRO B 254 24.56 -23.18 9.90
CA PRO B 254 23.98 -24.47 9.51
C PRO B 254 22.66 -24.32 8.77
N ASN B 255 22.54 -25.05 7.64
CA ASN B 255 21.27 -25.21 6.96
C ASN B 255 20.60 -26.48 7.49
N THR B 256 19.65 -26.29 8.41
CA THR B 256 18.93 -27.41 9.00
C THR B 256 17.51 -27.46 8.43
N TYR B 257 17.29 -26.86 7.25
CA TYR B 257 15.94 -26.68 6.76
C TYR B 257 15.59 -27.77 5.74
N GLU B 258 14.58 -28.58 6.10
CA GLU B 258 13.94 -29.54 5.22
C GLU B 258 12.45 -29.22 5.17
N PHE B 259 11.89 -29.16 3.96
CA PHE B 259 10.49 -28.80 3.81
C PHE B 259 9.76 -29.89 3.03
N ASP B 260 8.49 -30.14 3.40
CA ASP B 260 7.75 -31.26 2.84
C ASP B 260 7.53 -31.05 1.33
N ASP B 261 7.49 -29.79 0.90
CA ASP B 261 7.01 -29.47 -0.44
C ASP B 261 8.18 -29.19 -1.39
N TYR B 262 9.40 -29.38 -0.90
CA TYR B 262 10.59 -29.02 -1.66
C TYR B 262 11.63 -30.13 -1.50
N VAL B 263 12.41 -30.35 -2.56
CA VAL B 263 13.63 -31.14 -2.47
C VAL B 263 14.80 -30.17 -2.45
N PHE B 264 15.78 -30.45 -1.59
CA PHE B 264 16.99 -29.65 -1.49
C PHE B 264 18.13 -30.36 -2.23
N ILE B 265 18.79 -29.63 -3.12
CA ILE B 265 19.99 -30.14 -3.76
C ILE B 265 21.17 -29.27 -3.33
N PRO B 266 22.05 -29.78 -2.43
CA PRO B 266 23.16 -28.99 -1.90
C PRO B 266 24.14 -28.61 -3.01
N ASN B 267 24.61 -27.36 -2.98
CA ASN B 267 25.77 -26.91 -3.75
C ASN B 267 25.48 -26.98 -5.24
N LYS B 268 24.21 -26.86 -5.60
CA LYS B 268 23.78 -26.78 -6.99
C LYS B 268 22.86 -25.56 -7.16
N ASP B 269 22.90 -24.99 -8.36
CA ASP B 269 22.09 -23.82 -8.68
C ASP B 269 21.59 -23.94 -10.12
N SER B 270 20.54 -23.18 -10.42
CA SER B 270 20.09 -23.01 -11.78
C SER B 270 20.25 -21.55 -12.16
N ALA B 271 21.26 -21.27 -13.00
CA ALA B 271 21.61 -19.91 -13.35
C ALA B 271 20.45 -19.25 -14.08
N GLY B 272 20.18 -17.99 -13.73
CA GLY B 272 19.14 -17.19 -14.36
C GLY B 272 17.75 -17.71 -14.00
N GLY B 273 16.77 -17.40 -14.86
CA GLY B 273 15.37 -17.71 -14.62
C GLY B 273 14.86 -17.03 -13.34
N ASP B 274 15.37 -15.84 -13.04
CA ASP B 274 15.15 -15.22 -11.73
C ASP B 274 13.92 -14.33 -11.77
N ILE B 275 13.15 -14.36 -10.67
CA ILE B 275 12.15 -13.36 -10.41
C ILE B 275 12.84 -12.14 -9.79
N ARG B 276 13.55 -12.36 -8.67
CA ARG B 276 14.25 -11.30 -7.98
C ARG B 276 15.16 -11.91 -6.91
N GLU B 277 16.09 -11.09 -6.41
CA GLU B 277 16.86 -11.43 -5.23
C GLU B 277 16.15 -10.81 -4.03
N VAL B 278 16.05 -11.59 -2.95
CA VAL B 278 15.43 -11.08 -1.73
C VAL B 278 16.52 -10.96 -0.67
N CYS B 279 16.76 -12.05 0.06
CA CYS B 279 17.84 -12.11 1.03
C CYS B 279 18.13 -13.58 1.36
N ALA B 280 19.35 -13.86 1.86
CA ALA B 280 19.76 -15.23 2.14
C ALA B 280 19.20 -15.68 3.49
N ASP B 281 17.88 -15.88 3.51
CA ASP B 281 17.18 -16.34 4.70
C ASP B 281 16.16 -17.39 4.27
N ILE B 282 16.47 -18.65 4.58
CA ILE B 282 15.74 -19.77 3.98
C ILE B 282 14.26 -19.73 4.37
N PRO B 283 13.89 -19.53 5.67
CA PRO B 283 12.47 -19.44 6.03
C PRO B 283 11.75 -18.33 5.27
N ILE B 284 12.40 -17.16 5.14
CA ILE B 284 11.80 -16.07 4.38
C ILE B 284 11.57 -16.52 2.93
N LEU B 285 12.59 -17.12 2.33
CA LEU B 285 12.55 -17.51 0.92
C LEU B 285 11.45 -18.56 0.70
N LYS B 286 11.39 -19.54 1.59
CA LYS B 286 10.46 -20.66 1.45
C LYS B 286 9.03 -20.13 1.40
N ASN B 287 8.72 -19.18 2.29
CA ASN B 287 7.40 -18.58 2.38
C ASN B 287 7.07 -17.80 1.11
N ILE B 288 8.05 -17.05 0.58
CA ILE B 288 7.88 -16.32 -0.67
C ILE B 288 7.55 -17.29 -1.80
N ALA B 289 8.29 -18.40 -1.84
CA ALA B 289 8.14 -19.42 -2.87
C ALA B 289 6.76 -20.08 -2.76
N ASP B 290 6.32 -20.36 -1.53
CA ASP B 290 5.01 -20.93 -1.25
C ASP B 290 3.91 -20.07 -1.88
N LYS B 291 4.04 -18.74 -1.72
CA LYS B 291 2.94 -17.83 -1.98
C LYS B 291 2.89 -17.45 -3.46
N ASP B 292 3.96 -17.79 -4.20
CA ASP B 292 4.08 -17.38 -5.58
C ASP B 292 4.00 -18.58 -6.49
N ILE B 293 2.89 -18.67 -7.24
CA ILE B 293 2.59 -19.81 -8.08
C ILE B 293 3.63 -19.92 -9.20
N ASN B 294 4.24 -18.77 -9.58
CA ASN B 294 5.18 -18.72 -10.69
C ASN B 294 6.56 -19.18 -10.24
N CYS B 295 6.78 -19.21 -8.92
CA CYS B 295 8.07 -19.63 -8.39
C CYS B 295 8.15 -21.16 -8.37
N VAL B 296 9.20 -21.70 -8.97
CA VAL B 296 9.39 -23.15 -9.04
C VAL B 296 10.55 -23.55 -8.16
N ALA B 297 11.44 -22.60 -7.84
CA ALA B 297 12.62 -22.90 -7.06
C ALA B 297 13.18 -21.63 -6.41
N PHE B 298 13.97 -21.81 -5.34
CA PHE B 298 14.75 -20.72 -4.80
C PHE B 298 16.11 -21.25 -4.35
N ASN B 299 17.14 -20.42 -4.47
CA ASN B 299 18.44 -20.78 -3.95
C ASN B 299 18.66 -20.07 -2.61
N THR B 300 19.62 -20.57 -1.84
CA THR B 300 19.82 -20.12 -0.46
C THR B 300 20.61 -18.81 -0.47
N TYR B 301 21.04 -18.38 -1.66
CA TYR B 301 21.70 -17.10 -1.82
C TYR B 301 20.68 -15.97 -1.79
N GLY B 302 19.39 -16.31 -1.99
CA GLY B 302 18.33 -15.32 -1.88
C GLY B 302 17.56 -15.08 -3.18
N TRP B 303 17.86 -15.86 -4.23
CA TRP B 303 17.19 -15.71 -5.51
C TRP B 303 15.97 -16.64 -5.59
N VAL B 304 14.82 -16.05 -5.91
CA VAL B 304 13.62 -16.82 -6.19
C VAL B 304 13.42 -16.85 -7.70
N LYS B 305 13.10 -18.04 -8.23
CA LYS B 305 13.20 -18.29 -9.67
C LYS B 305 11.87 -18.77 -10.25
N ASN B 306 11.60 -18.37 -11.50
CA ASN B 306 10.39 -18.80 -12.20
C ASN B 306 10.69 -19.92 -13.19
N ASN B 307 11.97 -20.10 -13.52
CA ASN B 307 12.37 -21.16 -14.45
C ASN B 307 13.70 -21.75 -13.97
N ILE B 308 13.83 -23.07 -14.10
CA ILE B 308 15.09 -23.73 -13.83
C ILE B 308 15.48 -24.58 -15.03
N LYS B 309 16.79 -24.84 -15.15
CA LYS B 309 17.32 -25.70 -16.20
C LYS B 309 16.90 -27.14 -15.93
N PRO B 310 17.09 -28.07 -16.89
CA PRO B 310 17.13 -29.50 -16.59
C PRO B 310 18.10 -29.76 -15.42
N LEU B 311 17.78 -30.76 -14.59
CA LEU B 311 18.56 -31.03 -13.38
C LEU B 311 20.00 -31.38 -13.73
N HIS B 312 20.21 -32.00 -14.90
CA HIS B 312 21.57 -32.39 -15.29
C HIS B 312 22.36 -31.17 -15.76
N GLN B 313 21.72 -29.99 -15.79
CA GLN B 313 22.38 -28.78 -16.22
C GLN B 313 22.56 -27.79 -15.05
N LEU B 314 22.25 -28.24 -13.83
CA LEU B 314 22.54 -27.46 -12.64
C LEU B 314 24.04 -27.27 -12.51
N ILE B 315 24.45 -26.10 -12.03
CA ILE B 315 25.86 -25.74 -11.88
C ILE B 315 26.21 -25.83 -10.39
N ASP B 316 27.52 -25.93 -10.11
CA ASP B 316 28.04 -26.02 -8.77
C ASP B 316 28.16 -24.62 -8.17
N ILE B 317 27.74 -24.47 -6.92
CA ILE B 317 27.92 -23.23 -6.17
C ILE B 317 28.43 -23.57 -4.77
N GLY B 318 29.36 -22.75 -4.25
CA GLY B 318 29.98 -23.03 -2.97
C GLY B 318 29.20 -22.41 -1.82
N ASN B 319 29.56 -22.81 -0.59
CA ASN B 319 28.94 -22.31 0.63
C ASN B 319 29.41 -20.88 0.88
N ARG B 320 28.44 -19.96 1.00
CA ARG B 320 28.75 -18.56 1.24
C ARG B 320 27.98 -18.07 2.46
N TYR B 321 26.76 -18.58 2.66
CA TYR B 321 25.92 -18.15 3.76
C TYR B 321 25.57 -19.33 4.66
N TYR B 322 25.44 -20.51 4.06
CA TYR B 322 24.91 -21.67 4.74
C TYR B 322 25.83 -22.87 4.51
N GLU B 323 25.78 -23.80 5.48
CA GLU B 323 26.27 -25.15 5.27
C GLU B 323 25.08 -26.11 5.30
N SER B 324 24.56 -26.47 4.12
CA SER B 324 25.09 -26.09 2.83
C SER B 324 24.14 -25.11 2.13
N ASP B 325 24.72 -24.23 1.31
CA ASP B 325 23.99 -23.51 0.28
C ASP B 325 23.57 -24.49 -0.83
N GLY B 326 22.54 -24.11 -1.58
CA GLY B 326 22.04 -24.93 -2.66
C GLY B 326 20.71 -24.40 -3.19
N ILE B 327 19.91 -25.30 -3.78
CA ILE B 327 18.65 -24.90 -4.38
C ILE B 327 17.53 -25.79 -3.83
N TYR B 328 16.41 -25.15 -3.48
CA TYR B 328 15.17 -25.84 -3.18
C TYR B 328 14.27 -25.78 -4.40
N ILE B 329 13.75 -26.94 -4.81
CA ILE B 329 12.84 -27.04 -5.96
C ILE B 329 11.53 -27.64 -5.49
N LYS B 330 10.41 -27.03 -5.92
CA LYS B 330 9.08 -27.51 -5.59
C LYS B 330 8.86 -28.92 -6.12
N LYS B 331 8.33 -29.80 -5.24
CA LYS B 331 8.15 -31.20 -5.58
C LYS B 331 7.09 -31.36 -6.66
N ASN B 332 6.05 -30.52 -6.63
CA ASN B 332 4.95 -30.63 -7.58
C ASN B 332 5.48 -30.47 -9.01
N TYR B 333 6.44 -29.55 -9.19
CA TYR B 333 7.08 -29.35 -10.48
C TYR B 333 7.79 -30.64 -10.91
N LEU B 334 8.58 -31.22 -9.99
CA LEU B 334 9.43 -32.35 -10.32
C LEU B 334 8.59 -33.62 -10.54
N LEU B 335 7.47 -33.71 -9.82
CA LEU B 335 6.61 -34.88 -9.87
C LEU B 335 5.91 -34.96 -11.22
N LYS B 336 5.53 -33.79 -11.76
CA LYS B 336 4.99 -33.67 -13.11
C LYS B 336 6.00 -34.17 -14.15
N GLU B 337 7.26 -33.71 -14.03
CA GLU B 337 8.32 -34.17 -14.92
C GLU B 337 8.49 -35.68 -14.79
N LYS B 338 8.52 -36.16 -13.54
CA LYS B 338 8.83 -37.54 -13.25
C LYS B 338 7.81 -38.46 -13.93
N ILE B 339 6.52 -38.11 -13.81
CA ILE B 339 5.44 -38.91 -14.37
C ILE B 339 5.64 -39.06 -15.87
N ILE B 340 5.97 -37.94 -16.53
CA ILE B 340 6.07 -37.95 -17.99
C ILE B 340 7.33 -38.71 -18.41
N ILE B 341 8.46 -38.42 -17.77
CA ILE B 341 9.73 -39.00 -18.19
C ILE B 341 9.69 -40.51 -18.03
N ASN B 342 9.06 -41.00 -16.95
CA ASN B 342 9.01 -42.43 -16.67
C ASN B 342 8.06 -43.13 -17.65
N SER B 343 7.16 -42.37 -18.28
CA SER B 343 6.21 -42.92 -19.25
C SER B 343 6.89 -43.15 -20.60
N LEU B 344 8.06 -42.54 -20.80
CA LEU B 344 8.70 -42.50 -22.11
C LEU B 344 9.46 -43.80 -22.36
N ASN B 345 9.56 -44.17 -23.64
CA ASN B 345 10.27 -45.37 -24.05
C ASN B 345 11.77 -45.07 -24.10
N LEU B 346 12.43 -45.21 -22.95
CA LEU B 346 13.86 -44.96 -22.84
C LEU B 346 14.60 -46.31 -22.76
N1 UDP C . -7.70 -9.02 -8.67
C2 UDP C . -7.56 -8.27 -9.83
N3 UDP C . -6.27 -7.99 -10.18
C4 UDP C . -5.12 -8.39 -9.53
C5 UDP C . -5.34 -9.16 -8.34
C6 UDP C . -6.60 -9.45 -7.96
O2 UDP C . -8.51 -7.86 -10.48
O4 UDP C . -4.03 -8.05 -9.98
C1' UDP C . -9.07 -9.40 -8.25
C2' UDP C . -9.22 -10.92 -8.15
O2' UDP C . -9.59 -11.47 -9.41
C3' UDP C . -10.29 -11.06 -7.06
C4' UDP C . -10.07 -9.84 -6.17
O4' UDP C . -9.31 -8.88 -6.96
O3' UDP C . -11.62 -11.05 -7.58
C5' UDP C . -9.35 -10.11 -4.88
O5' UDP C . -8.07 -10.70 -5.19
PA UDP C . -7.28 -11.52 -4.07
O1A UDP C . -8.21 -12.49 -3.43
O2A UDP C . -6.03 -12.04 -4.68
O3A UDP C . -6.94 -10.33 -3.04
PB UDP C . -7.38 -10.01 -1.51
O1B UDP C . -6.37 -10.75 -0.67
O2B UDP C . -8.77 -10.53 -1.33
O3B UDP C . -7.29 -8.53 -1.36
MN MN D . -9.43 -12.40 -1.63
N1 UDP E . 20.85 2.39 17.14
C2 UDP E . 20.70 1.02 17.25
N3 UDP E . 21.85 0.29 17.03
C4 UDP E . 23.12 0.79 16.76
C5 UDP E . 23.19 2.22 16.70
C6 UDP E . 22.08 2.95 16.90
O2 UDP E . 19.62 0.48 17.47
O4 UDP E . 24.06 0.01 16.60
C1' UDP E . 19.68 3.22 17.46
C2' UDP E . 20.00 4.21 18.59
O2' UDP E . 19.76 3.60 19.84
C3' UDP E . 19.05 5.36 18.28
C4' UDP E . 18.91 5.32 16.74
O4' UDP E . 19.36 4.00 16.33
O3' UDP E . 17.81 5.15 18.94
C5' UDP E . 19.71 6.37 15.99
O5' UDP E . 21.09 6.20 16.35
PA UDP E . 22.12 7.44 16.27
O1A UDP E . 21.48 8.68 16.81
O2A UDP E . 23.42 7.03 16.88
O3A UDP E . 22.25 7.55 14.68
PB UDP E . 21.96 8.71 13.61
O1B UDP E . 23.26 9.48 13.61
O2B UDP E . 21.69 7.99 12.32
O3B UDP E . 20.80 9.53 14.05
MN MN F . 20.73 10.46 15.95
#